data_9OVQ
#
_entry.id   9OVQ
#
_cell.length_a   201.936
_cell.length_b   51.254
_cell.length_c   76.314
_cell.angle_alpha   90
_cell.angle_beta   106.47
_cell.angle_gamma   90
#
_symmetry.space_group_name_H-M   'C 1 2 1'
#
loop_
_entity.id
_entity.type
_entity.pdbx_description
1 polymer 'Protein-arginine deiminase type-2'
2 non-polymer (2S)-2-amino-2-(1-{(5M)-5-[3,5-dichloro-6-(1-methyl-1H-pyrazol-3-yl)pyridin-2-yl]isoquinolin-1-yl}piperidin-4-yl)-N-methylacetamide
3 non-polymer 'CALCIUM ION'
4 water water
#
_entity_poly.entity_id   1
_entity_poly.type   'polypeptide(L)'
_entity_poly.pdbx_seq_one_letter_code
;GPLGSPEFMLRERTVRLQYGSRVEAVYVLGTYLWTDVYSAAPAGAQTFSLKHSEHVWVEVVRDGEAEEVATNGKQRWLLS
PSTTLRVTMSQASTEASSDKVTVNYYDEEGSIPIDQAGLFLTAIEISLDVDADRDGVVEKNNPKKASWTWGPEGQGAILL
VNCDRETPWLPKEDCRDEKVYSKEDLKDMSQMILRTKGPDRLPAGYEIVLYISMSDSDKVGVFYVENPFFGQRYIHILGR
RKLYHVVKYTGGSAELLFFVEGLCFPDEGFSGLVSIHVSLLEYMAQDIPLTPIFTDTVIFRIAPWIMTPNILPPVSVFVC
CMKDNYLFLKEVKNLVEKTNCELKVCFQYLNRGDRWIQDEIEFGYIEAPHKGFPVVLDSPRDGNLKDFPVKELLGPDFGY
VTREPLFESVTSLDSFGNLEVSPPVTVNGKTYPLGRILIGSSFPLSGGRRMTKVVRDFLKAQQVQAPVELYSDWLTVGHV
DEFMSFVPIPGTKKFLLLMASTSACYKLFREKQKDGHGEAIMFKGLGGMSSKRITINKILSNESLVQENLYFQRCLDWNR
DILKKELGLTEQDIIDLPALFKMDEDHRARAFFPNMVNMIVLDKDLGIPKPFGPQVEEECCLEMHVRGLLEPLGLECTFI
DDISAYHKFLGEVHCGTNVRRKPFTFKWWHMVPSRRS
;
_entity_poly.pdbx_strand_id   A
#
loop_
_chem_comp.id
_chem_comp.type
_chem_comp.name
_chem_comp.formula
A1CE0 non-polymer (2S)-2-amino-2-(1-{(5M)-5-[3,5-dichloro-6-(1-methyl-1H-pyrazol-3-yl)pyridin-2-yl]isoquinolin-1-yl}piperidin-4-yl)-N-methylacetamide 'C26 H27 Cl2 N7 O'
CA non-polymer 'CALCIUM ION' 'Ca 2'
#
# COMPACT_ATOMS: atom_id res chain seq x y z
N ARG A 11 -23.94 -17.73 -14.64
CA ARG A 11 -24.72 -16.74 -13.90
C ARG A 11 -26.15 -16.73 -14.41
N GLU A 12 -27.06 -17.47 -13.76
CA GLU A 12 -28.46 -17.57 -14.18
C GLU A 12 -29.24 -16.30 -13.88
N ARG A 13 -30.04 -15.84 -14.86
CA ARG A 13 -30.85 -14.63 -14.77
C ARG A 13 -32.27 -14.97 -15.23
N THR A 14 -33.29 -14.56 -14.47
CA THR A 14 -34.68 -14.82 -14.80
C THR A 14 -35.22 -13.84 -15.82
N VAL A 15 -35.74 -14.36 -16.94
CA VAL A 15 -36.36 -13.54 -17.98
C VAL A 15 -37.67 -14.24 -18.36
N ARG A 16 -38.77 -13.94 -17.65
CA ARG A 16 -40.09 -14.56 -17.92
C ARG A 16 -40.75 -14.07 -19.22
N LEU A 17 -41.50 -14.96 -19.90
CA LEU A 17 -42.25 -14.55 -21.08
C LEU A 17 -43.53 -13.89 -20.61
N GLN A 18 -43.94 -12.82 -21.27
CA GLN A 18 -45.14 -12.09 -20.91
C GLN A 18 -46.29 -12.51 -21.89
N TYR A 19 -47.45 -12.87 -21.30
CA TYR A 19 -48.68 -13.34 -21.94
C TYR A 19 -48.99 -12.76 -23.31
N GLY A 20 -48.94 -13.60 -24.34
CA GLY A 20 -49.23 -13.24 -25.73
C GLY A 20 -48.49 -12.05 -26.27
N SER A 21 -47.41 -11.63 -25.58
CA SER A 21 -46.65 -10.45 -26.00
C SER A 21 -45.17 -10.73 -26.24
N ARG A 22 -44.50 -9.84 -27.01
CA ARG A 22 -43.05 -9.99 -27.22
C ARG A 22 -42.30 -9.23 -26.13
N VAL A 23 -41.25 -9.85 -25.61
CA VAL A 23 -40.39 -9.27 -24.59
C VAL A 23 -39.07 -8.95 -25.28
N GLU A 24 -38.59 -7.71 -25.23
CA GLU A 24 -37.30 -7.37 -25.81
C GLU A 24 -36.33 -7.12 -24.67
N ALA A 25 -35.15 -7.75 -24.72
CA ALA A 25 -34.19 -7.64 -23.62
C ALA A 25 -32.74 -7.62 -24.05
N VAL A 26 -31.89 -6.95 -23.27
CA VAL A 26 -30.45 -6.95 -23.46
C VAL A 26 -29.90 -8.16 -22.73
N TYR A 27 -29.06 -8.94 -23.39
CA TYR A 27 -28.45 -10.13 -22.83
C TYR A 27 -26.95 -9.79 -22.65
N VAL A 28 -26.40 -9.87 -21.43
CA VAL A 28 -24.99 -9.57 -21.21
C VAL A 28 -24.22 -10.87 -21.25
N LEU A 29 -23.17 -10.93 -22.08
CA LEU A 29 -22.35 -12.12 -22.19
C LEU A 29 -21.63 -12.37 -20.89
N GLY A 30 -21.67 -13.64 -20.47
CA GLY A 30 -21.19 -14.13 -19.19
C GLY A 30 -22.33 -14.65 -18.31
N THR A 31 -23.58 -14.33 -18.71
CA THR A 31 -24.76 -14.74 -17.99
C THR A 31 -25.55 -15.75 -18.85
N TYR A 32 -26.61 -16.34 -18.31
CA TYR A 32 -27.49 -17.19 -19.10
C TYR A 32 -28.91 -17.09 -18.55
N LEU A 33 -29.91 -17.14 -19.43
CA LEU A 33 -31.29 -16.95 -19.00
C LEU A 33 -32.04 -18.19 -18.71
N TRP A 34 -32.91 -18.12 -17.71
CA TRP A 34 -33.84 -19.20 -17.43
C TRP A 34 -35.19 -18.55 -17.78
N THR A 35 -35.97 -19.15 -18.68
CA THR A 35 -37.22 -18.55 -19.11
C THR A 35 -38.43 -19.39 -18.77
N ASP A 36 -39.41 -18.77 -18.12
CA ASP A 36 -40.65 -19.45 -17.80
C ASP A 36 -41.65 -19.27 -18.98
N VAL A 37 -42.15 -20.39 -19.54
CA VAL A 37 -43.11 -20.38 -20.66
C VAL A 37 -44.54 -20.74 -20.24
N TYR A 38 -44.71 -21.41 -19.09
CA TYR A 38 -46.02 -21.83 -18.61
C TYR A 38 -46.87 -20.62 -18.21
N SER A 39 -46.28 -19.62 -17.54
CA SER A 39 -47.02 -18.44 -17.10
C SER A 39 -47.66 -17.66 -18.20
N ALA A 40 -47.01 -17.57 -19.37
CA ALA A 40 -47.54 -16.80 -20.50
C ALA A 40 -48.52 -17.56 -21.40
N ALA A 41 -48.74 -18.85 -21.13
CA ALA A 41 -49.61 -19.68 -21.95
C ALA A 41 -51.06 -19.33 -21.71
N PRO A 42 -51.90 -19.30 -22.76
CA PRO A 42 -53.32 -19.02 -22.53
C PRO A 42 -54.00 -20.11 -21.73
N ALA A 43 -55.14 -19.78 -21.10
CA ALA A 43 -55.88 -20.75 -20.31
C ALA A 43 -56.41 -21.86 -21.22
N GLY A 44 -56.20 -23.10 -20.83
CA GLY A 44 -56.62 -24.23 -21.62
C GLY A 44 -55.57 -24.78 -22.58
N ALA A 45 -54.38 -24.16 -22.63
CA ALA A 45 -53.30 -24.62 -23.49
C ALA A 45 -52.66 -25.87 -22.91
N GLN A 46 -52.59 -26.94 -23.71
CA GLN A 46 -52.07 -28.23 -23.26
C GLN A 46 -50.57 -28.35 -23.50
N THR A 47 -50.10 -27.93 -24.68
CA THR A 47 -48.71 -28.06 -25.11
C THR A 47 -48.13 -26.75 -25.69
N PHE A 48 -46.81 -26.70 -25.91
CA PHE A 48 -46.14 -25.55 -26.51
C PHE A 48 -45.04 -26.02 -27.49
N SER A 49 -44.64 -25.16 -28.42
CA SER A 49 -43.51 -25.47 -29.31
C SER A 49 -42.61 -24.22 -29.44
N LEU A 50 -41.39 -24.36 -29.99
CA LEU A 50 -40.53 -23.19 -30.11
C LEU A 50 -39.70 -23.15 -31.38
N LYS A 51 -39.28 -21.93 -31.74
CA LYS A 51 -38.38 -21.58 -32.83
C LYS A 51 -37.34 -20.60 -32.27
N HIS A 52 -36.11 -20.65 -32.76
CA HIS A 52 -35.08 -19.72 -32.30
C HIS A 52 -34.03 -19.46 -33.38
N SER A 53 -33.33 -18.33 -33.29
CA SER A 53 -32.30 -17.99 -34.26
C SER A 53 -31.00 -18.80 -34.02
N GLU A 54 -30.04 -18.74 -34.96
CA GLU A 54 -28.78 -19.50 -34.93
C GLU A 54 -27.83 -19.16 -33.81
N HIS A 55 -27.81 -17.89 -33.37
CA HIS A 55 -26.88 -17.49 -32.30
C HIS A 55 -27.46 -17.50 -30.90
N VAL A 56 -28.53 -18.29 -30.70
CA VAL A 56 -29.22 -18.43 -29.42
C VAL A 56 -29.39 -19.91 -29.14
N TRP A 57 -28.56 -20.52 -28.28
CA TRP A 57 -28.74 -21.93 -27.95
C TRP A 57 -29.92 -21.98 -26.98
N VAL A 58 -30.95 -22.75 -27.31
CA VAL A 58 -32.12 -22.87 -26.44
C VAL A 58 -32.18 -24.30 -25.94
N GLU A 59 -32.58 -24.51 -24.69
CA GLU A 59 -32.70 -25.83 -24.09
C GLU A 59 -34.02 -25.94 -23.37
N VAL A 60 -34.78 -27.00 -23.62
CA VAL A 60 -36.02 -27.25 -22.91
C VAL A 60 -35.65 -28.05 -21.66
N VAL A 61 -35.90 -27.47 -20.49
CA VAL A 61 -35.55 -28.11 -19.23
C VAL A 61 -36.78 -28.62 -18.48
N ARG A 62 -37.06 -29.93 -18.54
CA ARG A 62 -38.19 -30.51 -17.80
C ARG A 62 -37.70 -31.08 -16.46
N ASP A 63 -37.51 -30.19 -15.47
CA ASP A 63 -37.06 -30.47 -14.11
C ASP A 63 -35.78 -31.29 -14.07
N GLY A 64 -34.65 -30.60 -14.15
CA GLY A 64 -33.35 -31.24 -14.12
C GLY A 64 -32.80 -31.53 -15.50
N GLU A 65 -33.45 -32.47 -16.21
CA GLU A 65 -33.04 -32.87 -17.57
C GLU A 65 -33.26 -31.73 -18.57
N ALA A 66 -32.16 -31.25 -19.17
CA ALA A 66 -32.15 -30.15 -20.16
C ALA A 66 -31.82 -30.70 -21.54
N GLU A 67 -32.75 -30.58 -22.48
CA GLU A 67 -32.61 -31.08 -23.85
C GLU A 67 -32.42 -29.92 -24.83
N GLU A 68 -31.33 -29.92 -25.64
CA GLU A 68 -31.13 -28.84 -26.60
C GLU A 68 -32.18 -28.91 -27.72
N VAL A 69 -32.61 -27.74 -28.21
CA VAL A 69 -33.67 -27.69 -29.22
C VAL A 69 -33.18 -27.04 -30.53
N ALA A 70 -33.59 -27.61 -31.66
CA ALA A 70 -33.24 -27.14 -32.99
C ALA A 70 -33.86 -25.77 -33.29
N THR A 71 -33.31 -25.04 -34.27
CA THR A 71 -33.82 -23.73 -34.64
C THR A 71 -35.29 -23.77 -35.06
N ASN A 72 -35.66 -24.61 -36.05
CA ASN A 72 -37.05 -24.70 -36.48
C ASN A 72 -37.67 -26.05 -36.18
N GLY A 73 -37.68 -26.42 -34.91
CA GLY A 73 -38.29 -27.67 -34.50
C GLY A 73 -39.81 -27.57 -34.44
N LYS A 74 -40.48 -28.62 -34.90
CA LYS A 74 -41.94 -28.71 -34.81
C LYS A 74 -42.39 -29.52 -33.58
N GLN A 75 -41.44 -29.90 -32.70
CA GLN A 75 -41.67 -30.67 -31.50
C GLN A 75 -42.52 -29.89 -30.51
N ARG A 76 -43.42 -30.59 -29.83
CA ARG A 76 -44.29 -29.98 -28.82
C ARG A 76 -44.07 -30.70 -27.50
N TRP A 77 -44.00 -29.92 -26.42
CA TRP A 77 -43.86 -30.44 -25.07
C TRP A 77 -45.11 -30.01 -24.27
N LEU A 78 -45.48 -30.77 -23.24
CA LEU A 78 -46.65 -30.40 -22.42
C LEU A 78 -46.30 -29.19 -21.55
N LEU A 79 -47.25 -28.27 -21.41
CA LEU A 79 -47.08 -27.09 -20.58
C LEU A 79 -47.13 -27.48 -19.11
N SER A 80 -46.07 -27.13 -18.38
CA SER A 80 -45.96 -27.43 -16.97
C SER A 80 -45.06 -26.39 -16.36
N PRO A 81 -45.34 -25.98 -15.10
CA PRO A 81 -44.44 -25.04 -14.44
C PRO A 81 -43.04 -25.61 -14.20
N SER A 82 -42.86 -26.95 -14.17
CA SER A 82 -41.52 -27.53 -13.99
C SER A 82 -40.74 -27.74 -15.31
N THR A 83 -41.37 -27.41 -16.48
CA THR A 83 -40.75 -27.48 -17.81
C THR A 83 -40.50 -26.02 -18.24
N THR A 84 -39.24 -25.61 -18.25
CA THR A 84 -38.84 -24.23 -18.54
C THR A 84 -37.82 -24.16 -19.71
N LEU A 85 -37.22 -22.98 -19.99
CA LEU A 85 -36.22 -22.81 -21.03
C LEU A 85 -34.89 -22.34 -20.44
N ARG A 86 -33.80 -22.56 -21.16
CA ARG A 86 -32.47 -22.11 -20.77
C ARG A 86 -31.87 -21.50 -22.03
N VAL A 87 -31.80 -20.17 -22.10
CA VAL A 87 -31.31 -19.44 -23.27
C VAL A 87 -29.87 -18.97 -23.09
N THR A 88 -28.97 -19.34 -24.00
CA THR A 88 -27.57 -18.97 -23.90
C THR A 88 -27.02 -18.39 -25.19
N MET A 89 -26.30 -17.28 -25.11
CA MET A 89 -25.65 -16.70 -26.28
C MET A 89 -24.12 -16.67 -26.03
N SER A 90 -23.33 -16.83 -27.10
CA SER A 90 -21.87 -16.85 -26.99
C SER A 90 -21.21 -15.63 -27.64
N GLN A 91 -21.90 -14.96 -28.58
CA GLN A 91 -21.33 -13.80 -29.24
C GLN A 91 -22.29 -12.63 -29.29
N ALA A 92 -21.74 -11.41 -29.20
CA ALA A 92 -22.49 -10.17 -29.20
C ALA A 92 -23.22 -9.92 -30.51
N SER A 93 -24.30 -9.13 -30.45
CA SER A 93 -25.11 -8.79 -31.61
C SER A 93 -24.45 -7.68 -32.42
N THR A 94 -24.62 -7.73 -33.74
CA THR A 94 -24.18 -6.66 -34.64
C THR A 94 -25.36 -5.71 -34.95
N GLU A 95 -26.61 -6.18 -34.78
CA GLU A 95 -27.84 -5.42 -34.96
C GLU A 95 -28.75 -5.61 -33.74
N ALA A 96 -29.41 -4.51 -33.28
CA ALA A 96 -30.23 -4.49 -32.05
C ALA A 96 -31.03 -5.80 -31.81
N SER A 97 -32.17 -6.10 -32.49
CA SER A 97 -32.85 -7.38 -32.25
C SER A 97 -32.05 -8.57 -32.87
N SER A 98 -32.37 -9.00 -34.13
CA SER A 98 -31.75 -10.11 -34.88
C SER A 98 -32.03 -11.48 -34.21
N ASP A 99 -31.55 -11.65 -32.98
CA ASP A 99 -31.67 -12.87 -32.20
C ASP A 99 -32.99 -12.94 -31.45
N LYS A 100 -33.61 -14.11 -31.45
CA LYS A 100 -34.91 -14.28 -30.81
C LYS A 100 -35.27 -15.73 -30.51
N VAL A 101 -36.26 -15.90 -29.62
CA VAL A 101 -36.86 -17.15 -29.19
C VAL A 101 -38.37 -16.92 -29.35
N THR A 102 -39.09 -17.84 -29.98
CA THR A 102 -40.53 -17.72 -30.21
C THR A 102 -41.21 -18.98 -29.68
N VAL A 103 -42.28 -18.82 -28.91
CA VAL A 103 -43.01 -19.96 -28.36
C VAL A 103 -44.45 -19.94 -28.86
N ASN A 104 -44.93 -21.05 -29.44
CA ASN A 104 -46.31 -21.15 -29.88
C ASN A 104 -47.08 -22.04 -28.91
N TYR A 105 -48.34 -21.70 -28.65
CA TYR A 105 -49.17 -22.45 -27.71
C TYR A 105 -50.35 -23.10 -28.43
N TYR A 106 -50.69 -24.35 -28.07
CA TYR A 106 -51.79 -25.08 -28.69
C TYR A 106 -52.72 -25.65 -27.62
N ASP A 107 -53.96 -25.99 -28.00
CA ASP A 107 -54.90 -26.63 -27.09
C ASP A 107 -55.02 -28.16 -27.36
N GLU A 108 -55.94 -28.86 -26.66
CA GLU A 108 -56.16 -30.31 -26.78
C GLU A 108 -56.44 -30.78 -28.21
N GLU A 109 -57.32 -30.08 -28.93
CA GLU A 109 -57.64 -30.45 -30.30
C GLU A 109 -57.32 -29.32 -31.25
N GLY A 110 -56.15 -29.41 -31.86
CA GLY A 110 -55.70 -28.39 -32.80
C GLY A 110 -54.20 -28.37 -32.94
N SER A 111 -53.72 -28.24 -34.19
CA SER A 111 -52.28 -28.17 -34.51
C SER A 111 -51.86 -26.82 -35.07
N ILE A 112 -52.71 -25.80 -34.96
CA ILE A 112 -52.41 -24.43 -35.38
C ILE A 112 -52.36 -23.59 -34.09
N PRO A 113 -51.30 -22.79 -33.88
CA PRO A 113 -51.18 -22.04 -32.62
C PRO A 113 -52.36 -21.13 -32.29
N ILE A 114 -52.89 -21.28 -31.07
CA ILE A 114 -53.96 -20.44 -30.54
C ILE A 114 -53.41 -19.09 -29.99
N ASP A 115 -52.08 -18.96 -29.82
CA ASP A 115 -51.40 -17.75 -29.32
C ASP A 115 -49.88 -17.97 -29.30
N GLN A 116 -49.11 -16.87 -29.26
CA GLN A 116 -47.66 -17.00 -29.19
C GLN A 116 -46.96 -15.88 -28.43
N ALA A 117 -45.94 -16.23 -27.65
CA ALA A 117 -45.13 -15.27 -26.90
C ALA A 117 -43.70 -15.30 -27.43
N GLY A 118 -43.07 -14.15 -27.53
CA GLY A 118 -41.71 -14.05 -28.06
C GLY A 118 -40.71 -13.36 -27.14
N LEU A 119 -39.43 -13.58 -27.41
CA LEU A 119 -38.33 -13.01 -26.67
C LEU A 119 -37.29 -12.53 -27.66
N PHE A 120 -37.21 -11.23 -27.89
CA PHE A 120 -36.24 -10.64 -28.79
C PHE A 120 -35.02 -10.24 -27.93
N LEU A 121 -33.82 -10.62 -28.38
CA LEU A 121 -32.60 -10.41 -27.61
C LEU A 121 -31.56 -9.58 -28.31
N THR A 122 -30.79 -8.84 -27.55
CA THR A 122 -29.70 -8.04 -28.04
C THR A 122 -28.52 -8.34 -27.14
N ALA A 123 -27.54 -9.13 -27.59
CA ALA A 123 -26.40 -9.47 -26.76
C ALA A 123 -25.28 -8.46 -26.83
N ILE A 124 -24.74 -8.10 -25.68
CA ILE A 124 -23.62 -7.20 -25.57
C ILE A 124 -22.62 -7.78 -24.58
N GLU A 125 -21.37 -7.36 -24.67
CA GLU A 125 -20.35 -7.78 -23.75
C GLU A 125 -19.97 -6.59 -22.91
N ILE A 126 -19.98 -6.71 -21.57
CA ILE A 126 -19.61 -5.62 -20.66
C ILE A 126 -18.53 -6.13 -19.69
N SER A 127 -17.38 -5.46 -19.69
CA SER A 127 -16.28 -5.89 -18.83
C SER A 127 -15.42 -4.72 -18.36
N LEU A 128 -15.34 -4.52 -17.05
CA LEU A 128 -14.53 -3.47 -16.45
C LEU A 128 -13.22 -4.15 -16.12
N ASP A 129 -12.13 -3.84 -16.84
CA ASP A 129 -10.86 -4.53 -16.66
C ASP A 129 -9.76 -3.71 -16.03
N VAL A 130 -8.97 -4.36 -15.16
CA VAL A 130 -7.83 -3.79 -14.44
C VAL A 130 -6.62 -4.77 -14.53
N ASP A 131 -5.44 -4.34 -14.05
CA ASP A 131 -4.24 -5.17 -14.05
C ASP A 131 -4.18 -6.02 -12.79
N ALA A 132 -5.03 -7.03 -12.70
CA ALA A 132 -5.08 -7.89 -11.53
C ALA A 132 -3.89 -8.87 -11.46
N ASP A 133 -3.31 -9.24 -12.61
CA ASP A 133 -2.16 -10.14 -12.63
C ASP A 133 -0.83 -9.46 -12.23
N ARG A 134 -0.81 -8.11 -12.22
CA ARG A 134 0.29 -7.26 -11.77
C ARG A 134 1.50 -7.19 -12.71
N ASP A 135 1.29 -7.31 -14.01
CA ASP A 135 2.40 -7.24 -14.98
C ASP A 135 2.54 -5.90 -15.70
N GLY A 136 1.74 -4.91 -15.33
CA GLY A 136 1.78 -3.59 -15.95
C GLY A 136 0.83 -3.41 -17.11
N VAL A 137 0.20 -4.50 -17.63
CA VAL A 137 -0.74 -4.38 -18.74
C VAL A 137 -2.18 -4.85 -18.37
N VAL A 138 -3.21 -4.08 -18.76
CA VAL A 138 -4.61 -4.39 -18.45
C VAL A 138 -5.15 -5.58 -19.26
N GLU A 139 -5.05 -6.80 -18.71
CA GLU A 139 -5.52 -8.03 -19.37
C GLU A 139 -7.05 -8.07 -19.54
N LYS A 140 -7.55 -8.92 -20.45
CA LYS A 140 -8.99 -9.02 -20.68
C LYS A 140 -9.71 -9.89 -19.64
N ASN A 141 -10.60 -9.26 -18.89
CA ASN A 141 -11.45 -9.81 -17.86
C ASN A 141 -10.79 -10.91 -16.99
N ASN A 142 -9.88 -10.50 -16.09
CA ASN A 142 -9.23 -11.41 -15.14
C ASN A 142 -10.32 -11.87 -14.17
N PRO A 143 -10.62 -13.17 -14.08
CA PRO A 143 -11.71 -13.62 -13.18
C PRO A 143 -11.52 -13.26 -11.70
N LYS A 144 -10.27 -13.10 -11.29
CA LYS A 144 -9.92 -12.79 -9.91
C LYS A 144 -9.87 -11.28 -9.65
N LYS A 145 -10.38 -10.42 -10.58
CA LYS A 145 -10.33 -8.95 -10.45
C LYS A 145 -11.27 -8.37 -9.39
N ALA A 146 -12.24 -9.16 -8.91
CA ALA A 146 -13.16 -8.68 -7.88
C ALA A 146 -12.71 -9.09 -6.47
N SER A 147 -11.40 -9.30 -6.28
CA SER A 147 -10.83 -9.69 -4.99
C SER A 147 -9.35 -9.40 -4.95
N TRP A 148 -8.80 -9.20 -3.75
CA TRP A 148 -7.39 -8.89 -3.61
C TRP A 148 -6.71 -9.92 -2.73
N THR A 149 -5.78 -10.71 -3.30
CA THR A 149 -5.09 -11.73 -2.52
C THR A 149 -3.56 -11.53 -2.48
N TRP A 150 -2.98 -11.64 -1.30
CA TRP A 150 -1.54 -11.49 -1.07
C TRP A 150 -0.73 -12.67 -1.61
N GLY A 151 0.52 -12.42 -1.94
CA GLY A 151 1.43 -13.47 -2.35
C GLY A 151 1.92 -13.48 -3.77
N PRO A 152 2.91 -14.33 -4.04
CA PRO A 152 3.43 -14.44 -5.42
C PRO A 152 2.46 -15.16 -6.35
N GLU A 153 1.57 -16.00 -5.79
CA GLU A 153 0.55 -16.69 -6.58
C GLU A 153 -0.88 -16.04 -6.46
N GLY A 154 -0.96 -14.89 -5.78
CA GLY A 154 -2.20 -14.14 -5.60
C GLY A 154 -2.37 -13.05 -6.62
N GLN A 155 -3.57 -12.46 -6.70
CA GLN A 155 -3.92 -11.44 -7.69
C GLN A 155 -4.81 -10.30 -7.14
N GLY A 156 -4.90 -9.21 -7.90
CA GLY A 156 -5.67 -8.02 -7.55
C GLY A 156 -4.95 -6.77 -7.98
N ALA A 157 -5.67 -5.76 -8.47
CA ALA A 157 -5.04 -4.53 -8.95
C ALA A 157 -4.48 -3.69 -7.81
N ILE A 158 -3.36 -2.98 -8.07
CA ILE A 158 -2.68 -2.13 -7.08
C ILE A 158 -2.75 -0.67 -7.53
N LEU A 159 -3.03 0.25 -6.60
CA LEU A 159 -3.20 1.67 -6.90
C LEU A 159 -2.38 2.60 -5.96
N LEU A 160 -1.49 3.45 -6.51
CA LEU A 160 -0.69 4.36 -5.69
C LEU A 160 -1.52 5.57 -5.21
N VAL A 161 -1.05 6.23 -4.16
CA VAL A 161 -1.62 7.50 -3.72
C VAL A 161 -0.85 8.54 -4.58
N ASN A 162 -1.55 9.47 -5.25
CA ASN A 162 -0.87 10.49 -6.08
C ASN A 162 -0.47 11.65 -5.17
N CYS A 163 0.59 11.44 -4.36
CA CYS A 163 1.02 12.44 -3.38
C CYS A 163 2.19 13.30 -3.86
N ASP A 164 2.70 13.10 -5.09
CA ASP A 164 3.76 13.97 -5.61
C ASP A 164 3.15 15.29 -6.20
N ARG A 165 4.00 16.18 -6.78
CA ARG A 165 3.53 17.42 -7.42
C ARG A 165 4.10 17.53 -8.85
N GLU A 166 3.34 17.06 -9.85
CA GLU A 166 3.80 17.10 -11.24
C GLU A 166 4.02 18.53 -11.72
N THR A 167 3.10 19.43 -11.29
CA THR A 167 3.11 20.87 -11.58
C THR A 167 3.34 21.61 -10.26
N PRO A 168 4.48 22.29 -10.12
CA PRO A 168 4.81 22.91 -8.82
C PRO A 168 4.24 24.29 -8.50
N TRP A 169 3.24 24.77 -9.26
CA TRP A 169 2.62 26.07 -8.94
C TRP A 169 1.77 25.96 -7.68
N LEU A 170 0.84 24.98 -7.64
CA LEU A 170 -0.07 24.83 -6.49
C LEU A 170 0.67 24.31 -5.26
N PRO A 171 0.34 24.86 -4.08
CA PRO A 171 1.02 24.40 -2.85
C PRO A 171 0.53 23.05 -2.28
N LYS A 172 -0.38 22.37 -3.00
CA LYS A 172 -0.92 21.07 -2.60
C LYS A 172 -0.43 19.96 -3.57
N GLU A 173 -0.55 18.69 -3.14
CA GLU A 173 -0.15 17.51 -3.93
C GLU A 173 -1.19 17.20 -5.04
N ASP A 174 -0.85 16.33 -6.00
CA ASP A 174 -1.74 15.94 -7.09
C ASP A 174 -3.13 15.46 -6.61
N CYS A 175 -3.17 14.66 -5.53
CA CYS A 175 -4.41 14.07 -5.03
C CYS A 175 -5.32 15.02 -4.21
N ARG A 176 -4.81 16.20 -3.79
CA ARG A 176 -5.62 17.15 -3.00
C ARG A 176 -6.73 17.82 -3.82
N ASP A 177 -6.58 17.84 -5.15
CA ASP A 177 -7.56 18.39 -6.08
C ASP A 177 -8.24 17.27 -6.88
N GLU A 178 -9.38 17.60 -7.48
CA GLU A 178 -10.08 16.66 -8.36
C GLU A 178 -9.79 17.05 -9.82
N LYS A 179 -8.52 17.37 -10.11
CA LYS A 179 -8.07 17.80 -11.41
C LYS A 179 -6.73 17.16 -11.79
N VAL A 180 -6.52 16.97 -13.09
CA VAL A 180 -5.26 16.48 -13.64
C VAL A 180 -4.79 17.58 -14.57
N TYR A 181 -3.56 18.04 -14.38
CA TYR A 181 -3.03 19.12 -15.19
C TYR A 181 -2.01 18.63 -16.23
N SER A 182 -1.28 17.55 -15.93
CA SER A 182 -0.26 17.07 -16.84
C SER A 182 -0.44 15.64 -17.34
N LYS A 183 0.16 15.32 -18.48
CA LYS A 183 0.20 13.97 -19.04
C LYS A 183 1.17 13.08 -18.18
N GLU A 184 2.05 13.71 -17.35
CA GLU A 184 2.97 13.07 -16.40
C GLU A 184 2.14 12.50 -15.22
N ASP A 185 1.03 13.19 -14.86
CA ASP A 185 0.17 12.77 -13.75
C ASP A 185 -0.42 11.38 -14.01
N LEU A 186 -0.76 11.08 -15.28
CA LEU A 186 -1.30 9.79 -15.69
C LEU A 186 -0.30 8.63 -15.48
N LYS A 187 1.00 8.92 -15.37
CA LYS A 187 2.02 7.90 -15.12
C LYS A 187 1.90 7.32 -13.72
N ASP A 188 1.42 8.15 -12.72
CA ASP A 188 1.20 7.73 -11.32
C ASP A 188 -0.20 7.10 -11.14
N MET A 189 -0.96 6.86 -12.23
CA MET A 189 -2.30 6.31 -12.14
C MET A 189 -2.42 4.92 -12.70
N SER A 190 -3.36 4.14 -12.17
CA SER A 190 -3.62 2.80 -12.65
C SER A 190 -4.73 2.86 -13.73
N GLN A 191 -4.59 2.10 -14.82
CA GLN A 191 -5.57 2.08 -15.91
C GLN A 191 -6.69 1.09 -15.68
N MET A 192 -7.89 1.48 -16.04
CA MET A 192 -9.08 0.66 -15.92
C MET A 192 -9.81 0.86 -17.24
N ILE A 193 -10.00 -0.23 -17.99
CA ILE A 193 -10.62 -0.13 -19.30
C ILE A 193 -11.99 -0.73 -19.31
N LEU A 194 -12.98 0.04 -19.77
CA LEU A 194 -14.32 -0.51 -19.95
C LEU A 194 -14.39 -1.07 -21.39
N ARG A 195 -14.34 -2.41 -21.51
CA ARG A 195 -14.39 -3.04 -22.82
C ARG A 195 -15.79 -3.58 -23.14
N THR A 196 -16.33 -3.19 -24.30
CA THR A 196 -17.66 -3.61 -24.72
C THR A 196 -17.73 -4.03 -26.18
N LYS A 197 -18.72 -4.88 -26.52
CA LYS A 197 -19.06 -5.34 -27.88
C LYS A 197 -20.58 -5.32 -27.97
N GLY A 198 -21.12 -4.92 -29.12
CA GLY A 198 -22.57 -4.88 -29.31
C GLY A 198 -22.97 -4.16 -30.58
N PRO A 199 -24.26 -3.83 -30.71
CA PRO A 199 -24.69 -3.09 -31.91
C PRO A 199 -24.25 -1.60 -31.89
N ASP A 200 -24.63 -0.84 -32.92
CA ASP A 200 -24.32 0.60 -33.04
C ASP A 200 -24.85 1.36 -31.83
N ARG A 201 -26.04 1.00 -31.36
CA ARG A 201 -26.62 1.63 -30.17
C ARG A 201 -27.33 0.61 -29.25
N LEU A 202 -27.48 0.97 -27.99
CA LEU A 202 -28.20 0.14 -27.03
C LEU A 202 -29.69 0.25 -27.35
N PRO A 203 -30.49 -0.82 -27.15
CA PRO A 203 -31.94 -0.70 -27.37
C PRO A 203 -32.54 0.34 -26.42
N ALA A 204 -33.71 0.88 -26.77
CA ALA A 204 -34.34 1.92 -25.94
C ALA A 204 -34.55 1.46 -24.49
N GLY A 205 -34.14 2.28 -23.55
CA GLY A 205 -34.31 2.00 -22.12
C GLY A 205 -33.10 1.45 -21.39
N TYR A 206 -31.90 1.58 -21.98
CA TYR A 206 -30.69 1.06 -21.36
C TYR A 206 -29.56 2.08 -21.29
N GLU A 207 -28.79 2.05 -20.19
CA GLU A 207 -27.63 2.91 -20.02
C GLU A 207 -26.57 2.26 -19.16
N ILE A 208 -25.31 2.56 -19.44
CA ILE A 208 -24.21 2.00 -18.68
C ILE A 208 -23.70 3.07 -17.75
N VAL A 209 -23.65 2.74 -16.45
CA VAL A 209 -23.22 3.67 -15.42
C VAL A 209 -22.01 3.15 -14.64
N LEU A 210 -20.99 3.99 -14.49
CA LEU A 210 -19.84 3.68 -13.66
C LEU A 210 -20.16 4.26 -12.30
N TYR A 211 -19.83 3.54 -11.20
CA TYR A 211 -20.16 4.08 -9.88
C TYR A 211 -19.27 3.55 -8.74
N ILE A 212 -19.23 4.34 -7.65
CA ILE A 212 -18.49 4.10 -6.42
C ILE A 212 -19.42 4.39 -5.23
N SER A 213 -19.02 3.98 -4.01
CA SER A 213 -19.80 4.25 -2.81
C SER A 213 -19.44 5.62 -2.23
N MET A 214 -20.28 6.15 -1.32
CA MET A 214 -19.99 7.41 -0.63
C MET A 214 -18.68 7.29 0.15
N SER A 215 -18.46 6.14 0.80
CA SER A 215 -17.24 5.86 1.56
C SER A 215 -15.98 5.91 0.71
N ASP A 216 -16.03 5.30 -0.49
CA ASP A 216 -14.87 5.30 -1.38
C ASP A 216 -14.67 6.60 -2.15
N SER A 217 -15.57 7.60 -2.00
CA SER A 217 -15.46 8.85 -2.74
C SER A 217 -14.30 9.74 -2.30
N ASP A 218 -13.81 9.62 -1.07
CA ASP A 218 -12.60 10.37 -0.67
C ASP A 218 -11.34 9.51 -0.67
N LYS A 219 -11.36 8.41 -1.45
CA LYS A 219 -10.26 7.46 -1.52
C LYS A 219 -9.73 7.34 -2.94
N VAL A 220 -10.62 7.48 -3.96
CA VAL A 220 -10.26 7.37 -5.36
C VAL A 220 -10.67 8.64 -6.15
N GLY A 221 -10.08 8.77 -7.34
CA GLY A 221 -10.34 9.81 -8.33
C GLY A 221 -10.23 9.17 -9.69
N VAL A 222 -11.34 9.05 -10.42
CA VAL A 222 -11.35 8.43 -11.76
C VAL A 222 -11.38 9.50 -12.84
N PHE A 223 -10.48 9.38 -13.83
CA PHE A 223 -10.31 10.34 -14.91
C PHE A 223 -10.48 9.77 -16.30
N TYR A 224 -10.80 10.65 -17.25
CA TYR A 224 -10.97 10.29 -18.64
C TYR A 224 -10.17 11.26 -19.51
N VAL A 225 -9.53 10.77 -20.58
CA VAL A 225 -8.82 11.67 -21.50
C VAL A 225 -9.73 12.07 -22.69
N GLU A 226 -10.33 13.28 -22.63
CA GLU A 226 -11.16 13.77 -23.72
C GLU A 226 -10.29 14.52 -24.75
N ASN A 227 -10.68 14.42 -26.05
CA ASN A 227 -9.97 14.98 -27.20
C ASN A 227 -8.49 14.55 -27.17
N PRO A 228 -8.18 13.23 -27.10
CA PRO A 228 -6.77 12.81 -27.00
C PRO A 228 -5.95 12.94 -28.28
N PHE A 229 -6.58 13.32 -29.39
CA PHE A 229 -5.88 13.45 -30.66
C PHE A 229 -5.39 14.88 -30.98
N PHE A 230 -5.79 15.87 -30.18
CA PHE A 230 -5.39 17.25 -30.35
C PHE A 230 -4.95 17.77 -28.95
N GLY A 231 -5.50 18.89 -28.47
CA GLY A 231 -5.21 19.41 -27.15
C GLY A 231 -5.99 18.64 -26.10
N GLN A 232 -5.32 17.71 -25.42
CA GLN A 232 -5.95 16.85 -24.41
C GLN A 232 -6.36 17.56 -23.13
N ARG A 233 -7.59 17.25 -22.68
CA ARG A 233 -8.18 17.72 -21.41
C ARG A 233 -8.54 16.50 -20.55
N TYR A 234 -8.55 16.66 -19.23
CA TYR A 234 -8.76 15.52 -18.34
C TYR A 234 -10.02 15.68 -17.53
N ILE A 235 -10.92 14.71 -17.63
CA ILE A 235 -12.23 14.79 -16.99
C ILE A 235 -12.37 13.91 -15.74
N HIS A 236 -12.54 14.54 -14.56
CA HIS A 236 -12.79 13.86 -13.29
C HIS A 236 -14.22 13.39 -13.37
N ILE A 237 -14.45 12.07 -13.33
CA ILE A 237 -15.79 11.52 -13.48
C ILE A 237 -16.30 10.80 -12.21
N LEU A 238 -15.40 10.35 -11.34
CA LEU A 238 -15.73 9.66 -10.08
C LEU A 238 -14.73 10.11 -9.04
N GLY A 239 -15.19 10.26 -7.81
CA GLY A 239 -14.36 10.75 -6.74
C GLY A 239 -15.12 11.74 -5.87
N ARG A 240 -14.41 12.72 -5.27
CA ARG A 240 -15.03 13.70 -4.39
C ARG A 240 -16.27 14.38 -4.98
N ARG A 241 -17.42 14.06 -4.41
CA ARG A 241 -18.74 14.60 -4.80
C ARG A 241 -19.25 14.09 -6.16
N LYS A 242 -18.66 13.00 -6.69
CA LYS A 242 -19.09 12.39 -7.95
C LYS A 242 -19.19 10.88 -7.74
N LEU A 243 -20.37 10.39 -7.33
CA LEU A 243 -20.55 8.98 -7.03
C LEU A 243 -20.87 8.08 -8.21
N TYR A 244 -21.43 8.66 -9.27
CA TYR A 244 -21.79 7.90 -10.47
C TYR A 244 -21.54 8.76 -11.72
N HIS A 245 -21.35 8.10 -12.85
CA HIS A 245 -21.13 8.77 -14.10
C HIS A 245 -21.76 7.97 -15.23
N VAL A 246 -22.61 8.62 -16.06
CA VAL A 246 -23.21 7.92 -17.19
C VAL A 246 -22.23 7.86 -18.36
N VAL A 247 -21.90 6.64 -18.77
CA VAL A 247 -20.96 6.37 -19.84
C VAL A 247 -21.63 6.49 -21.22
N LYS A 248 -20.95 7.13 -22.17
CA LYS A 248 -21.43 7.26 -23.55
C LYS A 248 -21.12 5.93 -24.26
N TYR A 249 -22.15 5.16 -24.60
CA TYR A 249 -21.95 3.87 -25.25
C TYR A 249 -21.51 4.00 -26.71
N THR A 250 -20.29 3.55 -27.02
CA THR A 250 -19.83 3.52 -28.41
C THR A 250 -20.10 2.12 -28.95
N GLY A 251 -20.82 2.04 -30.06
CA GLY A 251 -21.21 0.77 -30.65
C GLY A 251 -20.05 -0.07 -31.16
N GLY A 252 -20.34 -1.33 -31.46
CA GLY A 252 -19.34 -2.27 -31.96
C GLY A 252 -18.34 -2.63 -30.90
N SER A 253 -17.08 -2.85 -31.29
CA SER A 253 -16.00 -3.20 -30.38
C SER A 253 -15.34 -1.94 -29.81
N ALA A 254 -15.68 -1.55 -28.57
CA ALA A 254 -15.13 -0.34 -27.97
C ALA A 254 -14.37 -0.59 -26.67
N GLU A 255 -13.42 0.30 -26.38
CA GLU A 255 -12.61 0.26 -25.17
C GLU A 255 -12.50 1.67 -24.62
N LEU A 256 -13.05 1.95 -23.44
CA LEU A 256 -12.90 3.27 -22.82
C LEU A 256 -11.78 3.26 -21.75
N LEU A 257 -10.75 4.10 -21.92
CA LEU A 257 -9.63 4.17 -21.01
C LEU A 257 -9.90 5.11 -19.84
N PHE A 258 -9.67 4.64 -18.61
CA PHE A 258 -9.82 5.45 -17.41
C PHE A 258 -8.51 5.44 -16.59
N PHE A 259 -8.23 6.53 -15.90
CA PHE A 259 -7.04 6.65 -15.08
C PHE A 259 -7.52 6.89 -13.67
N VAL A 260 -7.25 5.92 -12.78
CA VAL A 260 -7.66 5.94 -11.39
C VAL A 260 -6.51 6.39 -10.48
N GLU A 261 -6.78 7.31 -9.54
CA GLU A 261 -5.77 7.77 -8.60
C GLU A 261 -6.20 7.49 -7.17
N GLY A 262 -5.22 7.19 -6.32
CA GLY A 262 -5.43 7.01 -4.89
C GLY A 262 -5.28 8.34 -4.18
N LEU A 263 -6.10 8.57 -3.14
CA LEU A 263 -6.08 9.81 -2.36
C LEU A 263 -5.72 9.60 -0.89
N CYS A 264 -5.91 8.37 -0.37
CA CYS A 264 -5.72 8.01 1.03
C CYS A 264 -4.78 6.84 1.18
N PHE A 265 -3.96 6.86 2.20
CA PHE A 265 -3.15 5.72 2.56
C PHE A 265 -4.04 4.84 3.45
N PRO A 266 -3.75 3.53 3.54
CA PRO A 266 -4.49 2.69 4.51
C PRO A 266 -4.31 3.25 5.92
N ASP A 267 -5.36 3.24 6.74
CA ASP A 267 -5.27 3.83 8.07
C ASP A 267 -6.17 3.07 9.02
N GLU A 268 -6.41 3.66 10.21
CA GLU A 268 -7.35 3.12 11.17
C GLU A 268 -8.72 3.37 10.53
N GLY A 269 -9.38 2.29 10.13
CA GLY A 269 -10.69 2.42 9.48
C GLY A 269 -10.69 2.33 7.96
N PHE A 270 -9.51 2.30 7.33
CA PHE A 270 -9.41 2.16 5.88
C PHE A 270 -8.43 1.05 5.63
N SER A 271 -8.95 -0.11 5.25
CA SER A 271 -8.17 -1.32 4.99
C SER A 271 -7.12 -1.10 3.90
N GLY A 272 -7.49 -0.37 2.88
CA GLY A 272 -6.66 -0.11 1.71
C GLY A 272 -7.42 -0.45 0.43
N LEU A 273 -8.44 -1.32 0.52
CA LEU A 273 -9.25 -1.76 -0.62
C LEU A 273 -10.38 -0.83 -0.96
N VAL A 274 -10.50 -0.51 -2.28
CA VAL A 274 -11.56 0.30 -2.88
C VAL A 274 -12.13 -0.47 -4.10
N SER A 275 -13.40 -0.25 -4.42
N SER A 275 -13.41 -0.27 -4.41
CA SER A 275 -14.02 -0.95 -5.54
CA SER A 275 -14.02 -0.95 -5.56
C SER A 275 -14.68 0.03 -6.50
C SER A 275 -14.71 0.01 -6.50
N ILE A 276 -14.63 -0.28 -7.81
CA ILE A 276 -15.26 0.51 -8.84
C ILE A 276 -16.17 -0.43 -9.61
N HIS A 277 -17.43 -0.03 -9.82
CA HIS A 277 -18.45 -0.86 -10.45
C HIS A 277 -18.95 -0.29 -11.74
N VAL A 278 -19.51 -1.17 -12.59
CA VAL A 278 -20.16 -0.80 -13.83
C VAL A 278 -21.47 -1.53 -13.89
N SER A 279 -22.54 -0.84 -14.29
CA SER A 279 -23.84 -1.46 -14.37
C SER A 279 -24.60 -1.09 -15.59
N LEU A 280 -25.39 -2.03 -16.10
CA LEU A 280 -26.29 -1.80 -17.21
C LEU A 280 -27.64 -1.55 -16.51
N LEU A 281 -28.14 -0.31 -16.58
CA LEU A 281 -29.38 0.05 -15.91
C LEU A 281 -30.53 0.06 -16.87
N GLU A 282 -31.63 -0.62 -16.52
CA GLU A 282 -32.83 -0.66 -17.34
C GLU A 282 -33.94 0.31 -16.85
N TYR A 283 -34.31 1.25 -17.70
CA TYR A 283 -35.38 2.23 -17.43
C TYR A 283 -36.70 1.46 -17.30
N MET A 284 -37.42 1.64 -16.18
CA MET A 284 -38.70 0.94 -15.98
C MET A 284 -39.85 1.90 -16.34
N ALA A 285 -39.80 3.11 -15.78
CA ALA A 285 -40.78 4.18 -15.92
C ALA A 285 -40.25 5.45 -15.22
N GLN A 286 -40.84 6.62 -15.52
CA GLN A 286 -40.47 7.86 -14.84
C GLN A 286 -40.90 7.74 -13.34
N ASP A 287 -40.16 8.38 -12.41
CA ASP A 287 -40.43 8.33 -10.96
C ASP A 287 -39.94 7.02 -10.27
N ILE A 288 -39.47 6.05 -11.05
CA ILE A 288 -38.95 4.78 -10.56
C ILE A 288 -37.45 4.71 -10.90
N PRO A 289 -36.61 4.19 -10.00
CA PRO A 289 -35.18 4.12 -10.31
C PRO A 289 -34.86 3.00 -11.29
N LEU A 290 -33.84 3.21 -12.13
CA LEU A 290 -33.41 2.22 -13.12
C LEU A 290 -32.90 0.95 -12.42
N THR A 291 -33.14 -0.20 -13.02
CA THR A 291 -32.78 -1.47 -12.41
C THR A 291 -31.48 -2.01 -12.92
N PRO A 292 -30.51 -2.26 -12.01
CA PRO A 292 -29.24 -2.83 -12.45
C PRO A 292 -29.39 -4.28 -12.93
N ILE A 293 -29.49 -4.42 -14.24
CA ILE A 293 -29.66 -5.69 -14.94
C ILE A 293 -28.38 -6.54 -14.88
N PHE A 294 -27.22 -5.89 -14.90
CA PHE A 294 -25.91 -6.52 -14.85
C PHE A 294 -24.95 -5.63 -14.07
N THR A 295 -24.03 -6.24 -13.29
CA THR A 295 -23.02 -5.47 -12.57
C THR A 295 -21.65 -6.16 -12.64
N ASP A 296 -20.60 -5.43 -13.02
CA ASP A 296 -19.21 -5.91 -13.05
C ASP A 296 -18.42 -4.99 -12.11
N THR A 297 -17.57 -5.58 -11.24
CA THR A 297 -16.82 -4.88 -10.19
C THR A 297 -15.32 -5.19 -10.31
N VAL A 298 -14.49 -4.22 -9.96
CA VAL A 298 -13.04 -4.36 -9.91
C VAL A 298 -12.56 -3.85 -8.57
N ILE A 299 -11.61 -4.55 -7.98
CA ILE A 299 -11.06 -4.15 -6.69
C ILE A 299 -9.63 -3.64 -6.89
N PHE A 300 -9.24 -2.63 -6.09
CA PHE A 300 -7.91 -2.01 -6.07
C PHE A 300 -7.41 -1.94 -4.63
N ARG A 301 -6.11 -2.19 -4.40
CA ARG A 301 -5.54 -2.02 -3.07
C ARG A 301 -4.60 -0.84 -3.15
N ILE A 302 -4.80 0.16 -2.29
CA ILE A 302 -3.93 1.31 -2.25
C ILE A 302 -2.62 0.91 -1.61
N ALA A 303 -1.52 1.03 -2.36
CA ALA A 303 -0.19 0.65 -1.94
C ALA A 303 0.22 1.34 -0.62
N PRO A 304 0.84 0.58 0.31
CA PRO A 304 1.22 1.18 1.59
C PRO A 304 2.52 1.99 1.54
N TRP A 305 2.72 2.85 2.51
CA TRP A 305 3.94 3.59 2.66
C TRP A 305 4.94 2.66 3.31
N ILE A 306 6.06 2.33 2.64
CA ILE A 306 7.11 1.44 3.17
C ILE A 306 8.39 2.20 3.59
N MET A 307 8.96 1.86 4.77
CA MET A 307 10.21 2.45 5.33
C MET A 307 11.46 1.70 4.86
N THR A 308 12.61 2.38 4.74
CA THR A 308 13.84 1.73 4.24
C THR A 308 14.96 1.55 5.33
N PRO A 309 15.35 0.29 5.64
CA PRO A 309 16.42 0.07 6.61
C PRO A 309 17.80 0.49 6.13
N ASN A 310 18.75 0.62 7.07
CA ASN A 310 20.15 1.00 6.86
C ASN A 310 20.93 0.05 5.92
N ILE A 311 20.48 -1.20 5.80
CA ILE A 311 21.13 -2.19 4.94
C ILE A 311 20.93 -1.92 3.43
N LEU A 312 19.85 -1.21 3.08
CA LEU A 312 19.59 -0.88 1.69
C LEU A 312 20.60 0.15 1.21
N PRO A 313 21.10 -0.01 -0.03
CA PRO A 313 22.09 0.93 -0.57
C PRO A 313 21.64 2.39 -0.64
N PRO A 314 22.53 3.32 -0.26
CA PRO A 314 22.14 4.74 -0.29
C PRO A 314 22.15 5.37 -1.69
N VAL A 315 21.19 6.25 -1.97
CA VAL A 315 21.09 6.93 -3.26
C VAL A 315 21.54 8.37 -3.10
N SER A 316 21.03 9.05 -2.08
CA SER A 316 21.40 10.43 -1.82
C SER A 316 21.19 10.80 -0.36
N VAL A 317 22.07 11.64 0.18
CA VAL A 317 22.01 12.01 1.58
C VAL A 317 21.50 13.44 1.78
N PHE A 318 20.39 13.60 2.48
CA PHE A 318 19.84 14.92 2.77
C PHE A 318 20.42 15.36 4.11
N VAL A 319 21.03 16.55 4.17
CA VAL A 319 21.68 17.01 5.40
C VAL A 319 21.20 18.39 5.83
N CYS A 320 20.79 18.55 7.09
N CYS A 320 20.79 18.55 7.09
CA CYS A 320 20.35 19.84 7.59
CA CYS A 320 20.37 19.85 7.58
C CYS A 320 21.21 20.30 8.76
C CYS A 320 21.24 20.29 8.75
N CYS A 321 21.86 21.47 8.61
CA CYS A 321 22.71 22.04 9.64
C CYS A 321 22.72 23.61 9.53
N MET A 322 23.71 24.29 10.14
CA MET A 322 23.82 25.75 10.08
C MET A 322 25.03 26.18 9.20
N LYS A 323 25.19 27.49 8.90
CA LYS A 323 26.32 27.96 8.09
C LYS A 323 27.66 27.78 8.80
N ASP A 324 27.66 27.95 10.12
CA ASP A 324 28.83 27.78 10.99
C ASP A 324 29.23 26.31 11.21
N ASN A 325 28.35 25.36 10.86
CA ASN A 325 28.60 23.92 11.02
C ASN A 325 29.52 23.39 9.92
N TYR A 326 30.56 24.16 9.56
CA TYR A 326 31.53 23.83 8.53
C TYR A 326 32.35 22.56 8.82
N LEU A 327 32.62 22.29 10.12
CA LEU A 327 33.39 21.09 10.52
C LEU A 327 32.57 19.83 10.20
N PHE A 328 31.26 19.89 10.51
CA PHE A 328 30.31 18.82 10.25
C PHE A 328 30.16 18.63 8.73
N LEU A 329 29.94 19.74 8.01
CA LEU A 329 29.76 19.77 6.56
C LEU A 329 30.92 19.18 5.78
N LYS A 330 32.15 19.42 6.23
CA LYS A 330 33.32 18.90 5.56
C LYS A 330 33.40 17.38 5.68
N GLU A 331 33.22 16.85 6.89
CA GLU A 331 33.29 15.42 7.19
C GLU A 331 32.19 14.63 6.53
N VAL A 332 30.95 15.15 6.56
CA VAL A 332 29.79 14.51 5.93
C VAL A 332 29.99 14.43 4.40
N LYS A 333 30.52 15.51 3.80
CA LYS A 333 30.80 15.55 2.36
C LYS A 333 31.98 14.64 1.99
N ASN A 334 32.98 14.52 2.88
CA ASN A 334 34.13 13.65 2.66
C ASN A 334 33.73 12.18 2.74
N LEU A 335 32.80 11.85 3.65
CA LEU A 335 32.29 10.49 3.79
C LEU A 335 31.37 10.16 2.62
N VAL A 336 30.52 11.12 2.19
CA VAL A 336 29.63 10.94 1.05
C VAL A 336 30.45 10.79 -0.26
N GLU A 337 31.66 11.40 -0.32
CA GLU A 337 32.59 11.27 -1.44
C GLU A 337 33.06 9.81 -1.55
N LYS A 338 33.53 9.19 -0.42
CA LYS A 338 34.01 7.80 -0.33
C LYS A 338 33.01 6.82 -0.95
N THR A 339 31.72 7.08 -0.72
CA THR A 339 30.62 6.27 -1.26
C THR A 339 30.21 6.79 -2.63
N ASN A 340 29.47 5.98 -3.37
CA ASN A 340 29.04 6.32 -4.72
C ASN A 340 27.67 6.97 -4.77
N CYS A 341 27.37 7.84 -3.78
CA CYS A 341 26.06 8.50 -3.74
C CYS A 341 26.17 10.05 -3.66
N GLU A 342 25.06 10.75 -3.96
CA GLU A 342 25.05 12.22 -3.98
C GLU A 342 24.69 12.86 -2.62
N LEU A 343 24.72 14.20 -2.52
CA LEU A 343 24.49 14.91 -1.26
C LEU A 343 23.73 16.23 -1.45
N LYS A 344 22.80 16.53 -0.55
CA LYS A 344 22.01 17.76 -0.59
C LYS A 344 22.10 18.49 0.74
N VAL A 345 22.27 19.82 0.72
CA VAL A 345 22.37 20.64 1.94
C VAL A 345 21.12 21.52 2.16
N CYS A 346 20.73 21.69 3.43
CA CYS A 346 19.60 22.51 3.87
C CYS A 346 20.09 23.30 5.08
N PHE A 347 19.92 24.63 5.09
CA PHE A 347 20.40 25.44 6.21
C PHE A 347 19.30 25.90 7.14
N TRP A 356 15.22 17.99 13.88
CA TRP A 356 14.22 18.42 12.90
C TRP A 356 14.42 17.75 11.53
N ILE A 357 15.69 17.43 11.18
CA ILE A 357 16.03 16.76 9.92
C ILE A 357 15.76 15.27 10.05
N GLN A 358 16.19 14.68 11.17
CA GLN A 358 15.95 13.26 11.46
C GLN A 358 14.83 13.07 12.52
N ASP A 359 14.01 14.11 12.75
CA ASP A 359 12.97 14.10 13.77
C ASP A 359 11.60 14.43 13.22
N GLU A 360 11.53 15.28 12.20
CA GLU A 360 10.24 15.67 11.63
C GLU A 360 9.94 15.00 10.28
N ILE A 361 10.96 14.51 9.58
CA ILE A 361 10.76 13.86 8.29
C ILE A 361 11.40 12.47 8.22
N GLU A 362 10.85 11.60 7.34
CA GLU A 362 11.33 10.25 7.08
C GLU A 362 11.13 9.88 5.63
N PHE A 363 12.12 9.28 5.02
CA PHE A 363 12.07 8.89 3.63
C PHE A 363 11.59 7.48 3.41
N GLY A 364 10.39 7.36 2.90
CA GLY A 364 9.84 6.06 2.55
C GLY A 364 9.55 5.96 1.06
N TYR A 365 8.92 4.87 0.63
CA TYR A 365 8.59 4.69 -0.77
C TYR A 365 7.22 4.03 -0.97
N ILE A 366 6.68 4.16 -2.16
CA ILE A 366 5.45 3.51 -2.58
C ILE A 366 5.76 2.85 -3.93
N GLU A 367 5.21 1.67 -4.18
CA GLU A 367 5.45 0.96 -5.42
C GLU A 367 4.20 0.25 -5.89
N ALA A 368 4.09 0.14 -7.20
CA ALA A 368 3.01 -0.54 -7.91
C ALA A 368 3.69 -1.27 -9.09
N PRO A 369 3.04 -2.29 -9.69
CA PRO A 369 3.69 -3.01 -10.80
C PRO A 369 4.20 -2.11 -11.94
N HIS A 370 3.53 -0.98 -12.16
CA HIS A 370 3.88 -0.03 -13.23
C HIS A 370 4.88 1.08 -12.79
N LYS A 371 4.55 1.79 -11.71
CA LYS A 371 5.29 2.93 -11.22
C LYS A 371 5.76 2.74 -9.76
N GLY A 372 6.63 3.63 -9.30
CA GLY A 372 7.18 3.61 -7.96
C GLY A 372 8.03 4.84 -7.74
N PHE A 373 7.91 5.46 -6.56
CA PHE A 373 8.68 6.67 -6.23
C PHE A 373 8.78 6.92 -4.71
N PRO A 374 9.75 7.74 -4.24
CA PRO A 374 9.83 8.00 -2.80
C PRO A 374 8.74 8.97 -2.32
N VAL A 375 8.33 8.81 -1.05
CA VAL A 375 7.32 9.60 -0.34
C VAL A 375 7.88 10.01 1.04
N VAL A 376 7.83 11.31 1.34
CA VAL A 376 8.34 11.86 2.60
C VAL A 376 7.20 12.04 3.56
N LEU A 377 7.28 11.45 4.74
CA LEU A 377 6.27 11.64 5.78
C LEU A 377 6.79 12.80 6.64
N ASP A 378 5.97 13.84 6.84
CA ASP A 378 6.39 15.02 7.59
C ASP A 378 5.34 15.43 8.59
N SER A 379 5.74 15.51 9.85
CA SER A 379 4.85 15.97 10.90
C SER A 379 5.57 17.10 11.62
N PRO A 380 5.20 18.36 11.34
CA PRO A 380 5.90 19.48 11.99
C PRO A 380 5.39 19.83 13.39
N ARG A 381 6.32 19.92 14.36
CA ARG A 381 5.98 20.23 15.75
C ARG A 381 5.54 21.69 15.92
N PHE A 388 6.06 26.88 3.98
CA PHE A 388 5.81 26.13 5.21
C PHE A 388 6.54 24.77 5.29
N PRO A 389 6.51 23.87 4.27
CA PRO A 389 7.23 22.59 4.41
C PRO A 389 8.73 22.70 4.06
N VAL A 390 9.22 21.94 3.05
CA VAL A 390 10.57 22.02 2.52
C VAL A 390 10.50 21.80 1.01
N LYS A 391 10.93 22.83 0.25
CA LYS A 391 10.89 22.89 -1.21
C LYS A 391 11.78 21.87 -1.90
N GLU A 392 12.97 21.61 -1.33
CA GLU A 392 13.92 20.64 -1.90
C GLU A 392 13.41 19.19 -1.92
N LEU A 393 12.17 18.93 -1.45
CA LEU A 393 11.61 17.58 -1.40
C LEU A 393 10.37 17.37 -2.27
N LEU A 394 9.38 18.28 -2.24
CA LEU A 394 8.20 18.12 -3.11
C LEU A 394 8.58 18.34 -4.59
N GLY A 395 7.88 17.63 -5.48
CA GLY A 395 8.15 17.73 -6.91
C GLY A 395 7.74 16.50 -7.69
N PRO A 396 8.21 16.38 -8.94
CA PRO A 396 7.84 15.19 -9.74
C PRO A 396 8.62 13.95 -9.31
N ASP A 397 7.91 12.80 -9.14
CA ASP A 397 8.48 11.54 -8.68
C ASP A 397 8.98 11.60 -7.24
N PHE A 398 8.39 12.46 -6.41
CA PHE A 398 8.70 12.61 -5.00
C PHE A 398 7.47 13.12 -4.27
N GLY A 399 6.78 12.21 -3.57
CA GLY A 399 5.59 12.53 -2.82
C GLY A 399 5.89 13.14 -1.47
N TYR A 400 4.99 13.96 -0.97
CA TYR A 400 5.19 14.63 0.30
C TYR A 400 3.88 14.64 1.06
N VAL A 401 3.75 13.75 2.06
CA VAL A 401 2.53 13.70 2.87
C VAL A 401 2.80 14.29 4.25
N THR A 402 1.91 15.23 4.66
CA THR A 402 1.98 15.92 5.96
C THR A 402 0.85 15.43 6.90
N ARG A 403 1.01 15.65 8.22
CA ARG A 403 0.03 15.23 9.22
C ARG A 403 -1.16 16.21 9.28
N SER A 409 -1.94 14.63 23.22
CA SER A 409 -1.13 15.46 22.32
C SER A 409 0.34 14.99 22.21
N VAL A 410 1.05 15.51 21.21
CA VAL A 410 2.45 15.23 20.89
C VAL A 410 3.38 15.35 22.11
N THR A 411 4.03 14.23 22.45
CA THR A 411 5.07 14.09 23.47
C THR A 411 6.43 14.03 22.72
N SER A 412 7.56 13.93 23.44
CA SER A 412 8.87 13.80 22.81
C SER A 412 9.02 12.42 22.10
N LEU A 413 8.10 11.46 22.37
CA LEU A 413 8.08 10.14 21.75
C LEU A 413 7.48 10.18 20.32
N ASP A 414 6.75 11.25 19.96
CA ASP A 414 6.24 11.44 18.62
C ASP A 414 7.37 12.12 17.86
N SER A 415 8.26 11.31 17.30
CA SER A 415 9.40 11.80 16.52
CA SER A 415 9.41 11.79 16.55
C SER A 415 9.90 10.69 15.63
N PHE A 416 10.49 11.05 14.50
CA PHE A 416 11.05 10.05 13.58
C PHE A 416 12.34 9.39 14.10
N GLY A 417 12.91 9.96 15.17
CA GLY A 417 14.06 9.41 15.87
C GLY A 417 13.64 8.25 16.76
N ASN A 418 12.37 8.23 17.18
CA ASN A 418 11.75 7.14 17.94
C ASN A 418 11.12 6.10 16.96
N LEU A 419 11.66 5.99 15.73
CA LEU A 419 11.19 5.06 14.72
C LEU A 419 12.40 4.46 14.05
N GLU A 420 12.40 3.16 13.89
CA GLU A 420 13.48 2.44 13.20
C GLU A 420 12.92 1.31 12.36
N VAL A 421 13.73 0.71 11.48
CA VAL A 421 13.25 -0.40 10.67
C VAL A 421 14.36 -1.39 10.47
N SER A 422 14.09 -2.61 10.87
CA SER A 422 15.04 -3.68 10.79
C SER A 422 15.27 -4.12 9.33
N PRO A 423 16.43 -4.71 9.04
CA PRO A 423 16.61 -5.35 7.73
C PRO A 423 15.66 -6.58 7.62
N PRO A 424 15.48 -7.21 6.43
CA PRO A 424 14.56 -8.37 6.36
C PRO A 424 14.97 -9.49 7.33
N VAL A 425 13.99 -10.03 8.05
CA VAL A 425 14.22 -11.06 9.05
C VAL A 425 13.26 -12.24 8.86
N THR A 426 13.56 -13.39 9.46
CA THR A 426 12.68 -14.56 9.45
C THR A 426 12.58 -14.96 10.90
N VAL A 427 11.38 -14.89 11.46
CA VAL A 427 11.18 -15.18 12.88
C VAL A 427 10.27 -16.41 13.06
N ASN A 428 10.90 -17.60 13.13
CA ASN A 428 10.19 -18.87 13.31
C ASN A 428 9.21 -19.16 12.18
N GLY A 429 9.76 -19.34 10.98
CA GLY A 429 8.94 -19.61 9.81
C GLY A 429 8.36 -18.36 9.17
N LYS A 430 8.03 -17.31 9.96
CA LYS A 430 7.45 -16.11 9.36
C LYS A 430 8.49 -15.12 8.88
N THR A 431 8.57 -14.95 7.57
CA THR A 431 9.48 -14.00 6.96
C THR A 431 8.84 -12.63 6.94
N TYR A 432 9.67 -11.61 7.13
CA TYR A 432 9.31 -10.21 7.06
C TYR A 432 10.29 -9.69 6.02
N PRO A 433 9.95 -9.81 4.73
CA PRO A 433 10.91 -9.45 3.67
C PRO A 433 11.25 -7.96 3.52
N LEU A 434 10.49 -7.09 4.19
CA LEU A 434 10.70 -5.64 4.24
C LEU A 434 11.11 -5.19 5.69
N GLY A 435 11.48 -6.14 6.55
CA GLY A 435 11.82 -5.86 7.94
C GLY A 435 10.60 -5.54 8.77
N ARG A 436 10.84 -5.04 9.97
CA ARG A 436 9.79 -4.67 10.91
C ARG A 436 10.05 -3.27 11.51
N ILE A 437 9.03 -2.42 11.59
CA ILE A 437 9.17 -1.08 12.16
C ILE A 437 9.30 -1.21 13.68
N LEU A 438 10.17 -0.43 14.30
CA LEU A 438 10.37 -0.47 15.74
C LEU A 438 10.00 0.88 16.30
N ILE A 439 9.11 0.90 17.30
CA ILE A 439 8.69 2.16 17.91
C ILE A 439 8.91 2.17 19.43
N GLY A 440 9.45 3.26 19.93
CA GLY A 440 9.71 3.40 21.34
C GLY A 440 8.43 3.60 22.11
N SER A 441 8.37 2.97 23.28
CA SER A 441 7.20 3.02 24.12
C SER A 441 7.61 2.93 25.62
N SER A 442 6.62 2.80 26.51
CA SER A 442 6.74 2.60 27.94
C SER A 442 5.96 1.30 28.30
N PHE A 443 6.27 0.71 29.45
CA PHE A 443 5.61 -0.50 29.95
C PHE A 443 4.10 -0.27 30.09
N PRO A 444 3.29 -1.33 29.89
CA PRO A 444 1.84 -1.16 29.95
C PRO A 444 1.26 -0.51 31.22
N LEU A 445 1.69 -0.98 32.40
CA LEU A 445 1.19 -0.43 33.66
C LEU A 445 2.10 0.67 34.26
N SER A 446 3.00 1.24 33.46
CA SER A 446 3.93 2.27 33.92
C SER A 446 3.28 3.65 34.05
N GLY A 447 2.28 3.92 33.23
CA GLY A 447 1.66 5.24 33.16
C GLY A 447 2.53 6.25 32.41
N GLY A 448 3.61 5.79 31.80
CA GLY A 448 4.56 6.64 31.10
C GLY A 448 4.14 7.08 29.72
N ARG A 449 5.06 7.79 29.02
CA ARG A 449 4.83 8.31 27.67
C ARG A 449 4.76 7.23 26.59
N ARG A 450 3.98 7.48 25.56
CA ARG A 450 3.78 6.58 24.44
C ARG A 450 3.54 7.41 23.17
N MET A 451 3.90 6.89 21.98
CA MET A 451 3.62 7.62 20.72
C MET A 451 2.07 7.73 20.55
N THR A 452 1.59 8.79 19.89
CA THR A 452 0.14 8.99 19.69
C THR A 452 -0.54 7.78 19.05
N LYS A 453 -1.76 7.47 19.48
CA LYS A 453 -2.53 6.34 18.95
C LYS A 453 -2.74 6.48 17.43
N VAL A 454 -2.73 7.69 16.88
CA VAL A 454 -2.93 7.87 15.44
C VAL A 454 -1.70 7.42 14.64
N VAL A 455 -0.50 7.73 15.12
CA VAL A 455 0.73 7.34 14.42
C VAL A 455 0.90 5.82 14.47
N ARG A 456 0.65 5.22 15.64
CA ARG A 456 0.77 3.79 15.81
C ARG A 456 -0.21 3.05 14.92
N ASP A 457 -1.44 3.58 14.78
CA ASP A 457 -2.48 3.00 13.93
C ASP A 457 -2.15 3.15 12.47
N PHE A 458 -1.50 4.25 12.05
CA PHE A 458 -1.10 4.47 10.65
C PHE A 458 -0.02 3.46 10.24
N LEU A 459 1.01 3.28 11.05
CA LEU A 459 2.11 2.36 10.75
C LEU A 459 1.64 0.91 10.73
N LYS A 460 0.71 0.57 11.64
CA LYS A 460 0.10 -0.74 11.78
C LYS A 460 -0.78 -1.00 10.56
N ALA A 461 -1.55 0.00 10.14
CA ALA A 461 -2.42 -0.10 8.97
C ALA A 461 -1.66 -0.39 7.70
N GLN A 462 -0.35 -0.03 7.61
CA GLN A 462 0.49 -0.30 6.43
C GLN A 462 0.77 -1.80 6.27
N GLN A 463 0.72 -2.58 7.37
CA GLN A 463 0.81 -4.05 7.44
C GLN A 463 2.12 -4.72 7.05
N VAL A 464 2.73 -4.34 5.94
CA VAL A 464 3.90 -4.99 5.37
C VAL A 464 5.16 -4.93 6.24
N GLN A 465 5.19 -4.09 7.29
CA GLN A 465 6.36 -4.00 8.17
C GLN A 465 6.00 -4.18 9.64
N ALA A 466 5.02 -5.05 9.91
CA ALA A 466 4.53 -5.44 11.24
C ALA A 466 5.25 -4.81 12.48
N PRO A 467 4.85 -3.56 12.84
CA PRO A 467 5.51 -2.84 13.95
C PRO A 467 5.60 -3.52 15.31
N VAL A 468 6.75 -3.31 15.98
CA VAL A 468 7.07 -3.83 17.31
C VAL A 468 7.30 -2.64 18.27
N GLU A 469 6.75 -2.70 19.49
CA GLU A 469 6.96 -1.63 20.47
C GLU A 469 8.07 -1.96 21.44
N LEU A 470 9.16 -1.23 21.36
CA LEU A 470 10.30 -1.39 22.26
C LEU A 470 10.10 -0.44 23.48
N TYR A 471 11.05 -0.39 24.41
CA TYR A 471 10.97 0.43 25.60
C TYR A 471 12.02 1.52 25.54
N SER A 472 11.58 2.74 25.21
CA SER A 472 12.48 3.89 25.13
C SER A 472 12.18 4.97 26.19
N ASP A 473 11.08 4.84 26.96
CA ASP A 473 10.70 5.83 27.96
C ASP A 473 11.66 5.98 29.13
N TRP A 474 12.67 5.11 29.21
CA TRP A 474 13.68 5.24 30.24
C TRP A 474 14.69 6.33 29.89
N LEU A 475 14.58 6.99 28.71
CA LEU A 475 15.43 8.07 28.19
C LEU A 475 14.66 9.38 28.26
N THR A 476 15.37 10.49 28.54
CA THR A 476 14.77 11.83 28.65
C THR A 476 14.08 12.26 27.36
N VAL A 477 14.75 12.06 26.21
CA VAL A 477 14.12 12.37 24.93
C VAL A 477 13.10 11.25 24.66
N GLY A 478 13.57 9.99 24.69
CA GLY A 478 12.72 8.83 24.53
C GLY A 478 12.73 8.27 23.13
N HIS A 479 13.92 8.16 22.52
CA HIS A 479 14.02 7.68 21.15
C HIS A 479 14.79 6.39 21.03
N VAL A 480 14.36 5.49 20.12
CA VAL A 480 15.06 4.24 19.92
C VAL A 480 16.40 4.43 19.25
N ASP A 481 16.62 5.52 18.49
CA ASP A 481 17.93 5.77 17.85
C ASP A 481 19.04 6.14 18.83
N GLU A 482 18.69 6.42 20.11
CA GLU A 482 19.62 6.75 21.20
C GLU A 482 20.31 5.50 21.75
N PHE A 483 19.74 4.29 21.53
CA PHE A 483 20.35 3.08 22.07
C PHE A 483 20.57 1.97 21.05
N MET A 484 20.03 2.11 19.82
CA MET A 484 20.18 1.07 18.82
C MET A 484 20.27 1.57 17.39
N SER A 485 20.70 0.66 16.50
CA SER A 485 20.82 0.88 15.06
CA SER A 485 20.85 0.88 15.06
C SER A 485 21.23 -0.46 14.38
N PHE A 486 21.25 -0.51 13.05
CA PHE A 486 21.64 -1.70 12.32
C PHE A 486 22.73 -1.36 11.30
N VAL A 487 23.65 -2.28 11.07
CA VAL A 487 24.71 -2.10 10.09
C VAL A 487 24.80 -3.39 9.31
N PRO A 488 25.03 -3.34 7.99
CA PRO A 488 25.21 -4.59 7.25
C PRO A 488 26.63 -5.15 7.44
N ILE A 489 26.85 -6.38 7.00
CA ILE A 489 28.17 -6.98 7.00
C ILE A 489 28.54 -6.93 5.51
N PRO A 490 29.48 -6.03 5.16
CA PRO A 490 29.77 -5.80 3.73
C PRO A 490 30.18 -7.05 2.98
N GLY A 491 29.67 -7.19 1.76
CA GLY A 491 29.94 -8.37 0.95
C GLY A 491 29.14 -9.60 1.35
N THR A 492 28.17 -9.44 2.26
CA THR A 492 27.27 -10.50 2.72
C THR A 492 25.81 -9.98 2.81
N LYS A 493 24.84 -10.91 2.89
CA LYS A 493 23.44 -10.53 3.08
C LYS A 493 23.05 -10.65 4.58
N LYS A 494 24.01 -10.41 5.49
CA LYS A 494 23.82 -10.44 6.94
C LYS A 494 24.06 -9.05 7.54
N PHE A 495 23.54 -8.82 8.76
CA PHE A 495 23.62 -7.52 9.44
C PHE A 495 23.93 -7.69 10.94
N LEU A 496 24.17 -6.56 11.63
CA LEU A 496 24.40 -6.56 13.07
C LEU A 496 23.55 -5.50 13.74
N LEU A 497 23.04 -5.84 14.92
CA LEU A 497 22.30 -4.91 15.77
C LEU A 497 23.39 -4.32 16.65
N LEU A 498 23.49 -2.99 16.67
CA LEU A 498 24.45 -2.31 17.51
C LEU A 498 23.65 -1.81 18.68
N MET A 499 24.05 -2.16 19.88
CA MET A 499 23.34 -1.73 21.08
C MET A 499 24.26 -0.89 21.92
N ALA A 500 23.70 0.13 22.56
CA ALA A 500 24.45 0.94 23.49
C ALA A 500 24.63 0.09 24.74
N SER A 501 25.83 0.12 25.36
CA SER A 501 26.09 -0.70 26.53
C SER A 501 26.75 0.10 27.61
N THR A 502 26.13 0.24 28.79
CA THR A 502 26.78 0.95 29.89
C THR A 502 27.88 0.04 30.50
N SER A 503 27.66 -1.29 30.51
CA SER A 503 28.64 -2.24 31.02
CA SER A 503 28.64 -2.24 31.02
C SER A 503 29.90 -2.23 30.16
N ALA A 504 29.74 -2.11 28.82
CA ALA A 504 30.89 -2.05 27.91
C ALA A 504 31.76 -0.85 28.23
N CYS A 505 31.14 0.28 28.62
CA CYS A 505 31.82 1.50 29.00
C CYS A 505 32.60 1.30 30.30
N TYR A 506 31.94 0.83 31.39
CA TYR A 506 32.64 0.61 32.65
C TYR A 506 33.76 -0.42 32.54
N LYS A 507 33.57 -1.52 31.78
CA LYS A 507 34.62 -2.52 31.61
C LYS A 507 35.83 -1.89 30.89
N LEU A 508 35.57 -1.01 29.89
CA LEU A 508 36.63 -0.32 29.15
C LEU A 508 37.37 0.66 30.08
N PHE A 509 36.62 1.46 30.85
CA PHE A 509 37.18 2.41 31.80
C PHE A 509 38.07 1.71 32.83
N ARG A 510 37.55 0.67 33.51
CA ARG A 510 38.27 -0.12 34.49
C ARG A 510 39.57 -0.68 33.93
N GLU A 511 39.58 -1.11 32.66
CA GLU A 511 40.78 -1.60 32.03
C GLU A 511 41.78 -0.48 31.80
N LYS A 512 41.34 0.67 31.25
CA LYS A 512 42.22 1.81 31.00
C LYS A 512 42.82 2.38 32.29
N GLN A 513 42.04 2.39 33.39
CA GLN A 513 42.48 2.85 34.71
C GLN A 513 43.63 1.97 35.24
N LYS A 514 43.54 0.66 34.99
CA LYS A 514 44.56 -0.29 35.40
C LYS A 514 45.79 -0.17 34.50
N ASP A 515 45.58 0.04 33.17
CA ASP A 515 46.65 0.19 32.17
C ASP A 515 47.43 1.52 32.25
N GLY A 516 47.14 2.35 33.26
CA GLY A 516 47.84 3.61 33.45
C GLY A 516 47.13 4.85 32.95
N HIS A 517 46.11 4.68 32.11
CA HIS A 517 45.36 5.82 31.58
C HIS A 517 44.33 6.39 32.56
N GLY A 518 44.50 6.15 33.86
CA GLY A 518 43.59 6.60 34.89
C GLY A 518 43.23 8.07 34.88
N GLU A 519 44.19 8.94 35.21
CA GLU A 519 43.94 10.37 35.28
C GLU A 519 43.91 11.09 33.93
N ALA A 520 43.61 10.37 32.83
CA ALA A 520 43.51 10.99 31.51
C ALA A 520 42.15 11.67 31.37
N ILE A 521 42.14 12.89 30.81
CA ILE A 521 40.89 13.64 30.67
C ILE A 521 40.04 13.17 29.49
N MET A 522 38.75 12.87 29.75
CA MET A 522 37.80 12.43 28.72
C MET A 522 37.00 13.64 28.20
N PHE A 523 36.54 13.55 26.94
CA PHE A 523 35.77 14.60 26.26
C PHE A 523 36.61 15.87 26.11
N LYS A 524 37.91 15.72 25.81
CA LYS A 524 38.84 16.84 25.63
C LYS A 524 38.58 17.57 24.31
N GLY A 525 37.63 18.50 24.34
CA GLY A 525 37.22 19.28 23.18
C GLY A 525 35.73 19.30 22.92
N LEU A 526 34.94 18.58 23.75
CA LEU A 526 33.48 18.50 23.61
C LEU A 526 32.76 19.28 24.72
N LYS A 532 34.37 21.35 33.78
CA LYS A 532 34.08 20.03 34.35
C LYS A 532 35.35 19.26 34.72
N ARG A 533 36.26 19.02 33.73
CA ARG A 533 37.52 18.28 33.90
C ARG A 533 37.23 16.89 34.46
N ILE A 534 36.93 15.94 33.57
CA ILE A 534 36.53 14.60 33.96
C ILE A 534 37.59 13.58 33.55
N THR A 535 37.90 12.62 34.42
CA THR A 535 38.84 11.55 34.11
C THR A 535 38.17 10.17 34.38
N ILE A 536 38.78 9.07 33.90
CA ILE A 536 38.29 7.71 34.13
C ILE A 536 38.15 7.44 35.64
N ASN A 537 39.13 7.89 36.43
CA ASN A 537 39.15 7.74 37.88
C ASN A 537 37.98 8.44 38.57
N LYS A 538 37.57 9.59 38.04
CA LYS A 538 36.47 10.35 38.59
C LYS A 538 35.14 9.66 38.32
N ILE A 539 34.97 9.09 37.10
CA ILE A 539 33.75 8.40 36.67
C ILE A 539 33.54 7.09 37.47
N LEU A 540 34.63 6.32 37.63
CA LEU A 540 34.63 5.04 38.36
C LEU A 540 34.42 5.23 39.87
N SER A 541 34.86 6.38 40.41
N SER A 541 34.87 6.37 40.41
CA SER A 541 34.68 6.69 41.83
CA SER A 541 34.69 6.66 41.83
C SER A 541 33.24 7.09 42.15
C SER A 541 33.26 7.13 42.15
N ASN A 542 32.53 7.68 41.17
CA ASN A 542 31.17 8.13 41.35
C ASN A 542 30.26 6.94 41.49
N GLU A 543 29.96 6.58 42.74
CA GLU A 543 29.12 5.43 43.02
CA GLU A 543 29.11 5.44 43.10
C GLU A 543 27.68 5.63 42.61
N SER A 544 27.14 6.85 42.78
CA SER A 544 25.76 7.16 42.39
C SER A 544 25.55 6.97 40.88
N LEU A 545 26.53 7.36 40.08
CA LEU A 545 26.54 7.21 38.62
C LEU A 545 26.69 5.72 38.20
N VAL A 546 27.29 4.89 39.02
CA VAL A 546 27.44 3.46 38.76
C VAL A 546 26.05 2.84 38.86
N GLN A 547 25.31 3.17 39.92
CA GLN A 547 23.97 2.61 40.14
C GLN A 547 22.97 3.07 39.10
N GLU A 548 23.15 4.26 38.54
CA GLU A 548 22.25 4.78 37.53
C GLU A 548 22.44 3.97 36.28
N ASN A 549 23.71 3.83 35.83
CA ASN A 549 24.06 3.04 34.66
C ASN A 549 23.79 1.53 34.80
N LEU A 550 23.67 1.04 36.04
CA LEU A 550 23.31 -0.35 36.29
C LEU A 550 21.84 -0.53 35.94
N TYR A 551 20.98 0.43 36.32
CA TYR A 551 19.58 0.41 35.97
C TYR A 551 19.40 0.66 34.47
N PHE A 552 20.19 1.56 33.86
CA PHE A 552 20.09 1.83 32.44
C PHE A 552 20.49 0.62 31.61
N GLN A 553 21.46 -0.18 32.09
CA GLN A 553 21.83 -1.41 31.36
C GLN A 553 20.67 -2.39 31.40
N ARG A 554 19.90 -2.43 32.53
CA ARG A 554 18.71 -3.27 32.67
C ARG A 554 17.71 -2.91 31.60
N CYS A 555 17.44 -1.61 31.42
CA CYS A 555 16.54 -1.08 30.39
C CYS A 555 17.01 -1.51 29.01
N LEU A 556 18.32 -1.43 28.75
CA LEU A 556 18.88 -1.83 27.46
C LEU A 556 18.70 -3.30 27.20
N ASP A 557 18.87 -4.12 28.23
CA ASP A 557 18.68 -5.56 28.11
C ASP A 557 17.23 -5.94 27.99
N TRP A 558 16.29 -5.11 28.45
CA TRP A 558 14.87 -5.41 28.29
C TRP A 558 14.53 -5.39 26.80
N ASN A 559 15.04 -4.38 26.08
CA ASN A 559 14.93 -4.16 24.65
C ASN A 559 15.69 -5.21 23.89
N ARG A 560 16.92 -5.55 24.32
CA ARG A 560 17.74 -6.58 23.69
C ARG A 560 16.96 -7.91 23.57
N ASP A 561 16.14 -8.21 24.57
CA ASP A 561 15.36 -9.44 24.58
C ASP A 561 14.16 -9.39 23.63
N ILE A 562 13.47 -8.23 23.57
CA ILE A 562 12.36 -8.01 22.66
C ILE A 562 12.89 -8.07 21.23
N LEU A 563 14.08 -7.50 20.97
CA LEU A 563 14.68 -7.46 19.65
C LEU A 563 15.11 -8.85 19.17
N LYS A 564 15.76 -9.62 20.05
CA LYS A 564 16.18 -10.98 19.71
C LYS A 564 14.92 -11.85 19.45
N LYS A 565 13.85 -11.63 20.24
CA LYS A 565 12.58 -12.33 20.11
C LYS A 565 11.82 -11.95 18.82
N GLU A 566 11.61 -10.65 18.56
CA GLU A 566 10.81 -10.22 17.41
C GLU A 566 11.56 -10.15 16.12
N LEU A 567 12.91 -10.22 16.14
CA LEU A 567 13.71 -10.17 14.90
C LEU A 567 14.51 -11.46 14.62
N GLY A 568 14.40 -12.47 15.48
CA GLY A 568 15.08 -13.75 15.32
C GLY A 568 16.58 -13.63 15.42
N LEU A 569 17.03 -12.75 16.31
CA LEU A 569 18.46 -12.51 16.52
C LEU A 569 19.02 -13.43 17.60
N THR A 570 20.32 -13.71 17.48
CA THR A 570 21.11 -14.45 18.46
C THR A 570 22.23 -13.51 18.97
N GLU A 571 22.97 -13.91 20.03
CA GLU A 571 24.07 -13.06 20.52
C GLU A 571 25.18 -12.87 19.47
N GLN A 572 25.26 -13.74 18.45
CA GLN A 572 26.22 -13.59 17.35
C GLN A 572 25.90 -12.39 16.43
N ASP A 573 24.68 -11.89 16.47
CA ASP A 573 24.27 -10.78 15.62
C ASP A 573 24.25 -9.42 16.33
N ILE A 574 24.77 -9.33 17.56
CA ILE A 574 24.74 -8.08 18.32
C ILE A 574 26.16 -7.61 18.71
N ILE A 575 26.36 -6.29 18.75
CA ILE A 575 27.60 -5.64 19.16
C ILE A 575 27.26 -4.63 20.25
N ASP A 576 28.07 -4.57 21.31
CA ASP A 576 27.83 -3.60 22.38
C ASP A 576 28.82 -2.45 22.32
N LEU A 577 28.34 -1.27 21.94
CA LEU A 577 29.18 -0.08 21.84
C LEU A 577 29.17 0.58 23.21
N PRO A 578 30.33 1.03 23.74
CA PRO A 578 30.32 1.68 25.05
C PRO A 578 29.47 2.94 25.09
N ALA A 579 28.61 3.04 26.09
CA ALA A 579 27.76 4.20 26.26
C ALA A 579 27.64 4.55 27.71
N LEU A 580 27.47 5.83 28.01
CA LEU A 580 27.32 6.29 29.40
C LEU A 580 26.17 7.28 29.47
N PHE A 581 25.41 7.24 30.58
CA PHE A 581 24.24 8.09 30.75
C PHE A 581 24.20 8.79 32.11
N LYS A 582 23.34 9.79 32.26
CA LYS A 582 23.14 10.48 33.52
C LYS A 582 21.62 10.51 33.78
N MET A 583 21.20 10.30 35.03
CA MET A 583 19.79 10.24 35.37
C MET A 583 19.19 11.57 35.81
N ASP A 584 18.22 12.11 35.04
CA ASP A 584 17.56 13.35 35.41
C ASP A 584 16.55 13.17 36.59
N GLU A 585 15.86 14.24 37.02
CA GLU A 585 14.90 14.14 38.12
C GLU A 585 13.71 13.25 37.79
N ASP A 586 13.36 13.10 36.50
CA ASP A 586 12.28 12.21 36.07
C ASP A 586 12.66 10.72 36.20
N HIS A 587 13.95 10.42 36.45
CA HIS A 587 14.55 9.09 36.56
C HIS A 587 14.85 8.52 35.19
N ARG A 588 15.21 9.36 34.22
CA ARG A 588 15.50 8.95 32.85
C ARG A 588 16.93 9.27 32.43
N ALA A 589 17.45 8.54 31.44
CA ALA A 589 18.81 8.67 30.94
C ALA A 589 19.01 9.76 29.93
N ARG A 590 20.21 10.34 29.93
CA ARG A 590 20.60 11.35 28.95
C ARG A 590 22.09 11.19 28.70
N ALA A 591 22.47 11.02 27.43
CA ALA A 591 23.86 10.80 27.01
C ALA A 591 24.93 11.61 27.75
N PHE A 592 25.89 10.93 28.37
CA PHE A 592 27.01 11.56 29.08
C PHE A 592 28.01 12.08 28.04
N PHE A 593 28.29 11.26 27.02
CA PHE A 593 29.14 11.61 25.87
C PHE A 593 28.36 11.34 24.54
N PRO A 594 28.85 11.78 23.35
CA PRO A 594 28.08 11.55 22.11
C PRO A 594 27.64 10.10 21.87
N ASN A 595 26.32 9.89 21.68
CA ASN A 595 25.75 8.58 21.42
C ASN A 595 26.30 8.03 20.10
N MET A 596 27.31 7.15 20.19
CA MET A 596 27.95 6.60 19.00
C MET A 596 27.09 5.64 18.19
N VAL A 597 26.01 5.11 18.79
CA VAL A 597 25.12 4.18 18.11
C VAL A 597 24.24 4.88 17.03
N ASN A 598 23.96 6.20 17.18
CA ASN A 598 23.17 6.95 16.19
C ASN A 598 24.13 7.39 15.06
N MET A 599 24.43 6.48 14.12
CA MET A 599 25.39 6.75 13.06
C MET A 599 24.80 6.76 11.65
N ILE A 600 25.52 7.34 10.65
CA ILE A 600 25.08 7.37 9.25
C ILE A 600 25.56 6.09 8.58
N VAL A 601 24.65 5.24 8.07
CA VAL A 601 25.06 3.98 7.43
C VAL A 601 25.01 4.09 5.90
N LEU A 602 26.17 4.23 5.26
CA LEU A 602 26.24 4.34 3.81
C LEU A 602 27.00 3.11 3.31
N ASP A 603 26.33 1.93 3.34
CA ASP A 603 26.89 0.62 2.99
C ASP A 603 28.12 0.31 3.91
N LYS A 604 29.35 0.10 3.40
CA LYS A 604 30.50 -0.22 4.27
C LYS A 604 31.05 0.98 5.05
N ASP A 605 30.58 2.20 4.75
CA ASP A 605 31.07 3.40 5.40
C ASP A 605 30.13 3.93 6.49
N LEU A 606 30.65 4.01 7.74
CA LEU A 606 29.88 4.48 8.91
C LEU A 606 30.32 5.88 9.37
N GLY A 607 29.34 6.74 9.57
CA GLY A 607 29.54 8.10 10.06
C GLY A 607 29.14 8.15 11.51
N ILE A 608 30.07 7.74 12.39
CA ILE A 608 29.90 7.62 13.83
C ILE A 608 30.15 8.93 14.57
N PRO A 609 29.28 9.37 15.50
CA PRO A 609 29.54 10.64 16.21
C PRO A 609 30.74 10.57 17.15
N LYS A 610 31.74 11.45 16.95
CA LYS A 610 32.98 11.52 17.74
C LYS A 610 32.75 11.83 19.23
N PRO A 611 33.24 10.97 20.15
CA PRO A 611 33.02 11.20 21.59
C PRO A 611 33.98 12.19 22.24
N PHE A 612 35.13 12.47 21.57
CA PHE A 612 36.22 13.34 22.01
C PHE A 612 37.00 12.80 23.23
N CYS A 620 42.18 8.73 21.40
CA CYS A 620 40.87 8.44 21.98
C CYS A 620 40.59 6.92 22.03
N CYS A 621 40.52 6.35 23.25
CA CYS A 621 40.28 4.90 23.45
C CYS A 621 38.85 4.48 23.11
N LEU A 622 37.87 5.40 23.23
CA LEU A 622 36.49 5.09 22.88
C LEU A 622 36.39 4.88 21.36
N GLU A 623 37.12 5.68 20.56
CA GLU A 623 37.15 5.57 19.11
C GLU A 623 37.93 4.35 18.67
N MET A 624 39.04 4.04 19.35
CA MET A 624 39.83 2.88 19.04
C MET A 624 39.11 1.58 19.41
N HIS A 625 38.27 1.62 20.47
CA HIS A 625 37.49 0.47 20.87
C HIS A 625 36.44 0.22 19.78
N VAL A 626 35.73 1.28 19.33
CA VAL A 626 34.71 1.18 18.28
C VAL A 626 35.34 0.70 16.96
N ARG A 627 36.55 1.21 16.60
CA ARG A 627 37.27 0.75 15.41
C ARG A 627 37.63 -0.75 15.54
N GLY A 628 37.95 -1.20 16.74
CA GLY A 628 38.28 -2.60 17.01
C GLY A 628 37.07 -3.53 16.93
N LEU A 629 35.89 -3.00 17.25
CA LEU A 629 34.67 -3.81 17.18
C LEU A 629 34.14 -3.92 15.73
N LEU A 630 34.07 -2.78 15.04
CA LEU A 630 33.49 -2.66 13.71
C LEU A 630 34.42 -2.83 12.52
N GLU A 631 35.65 -2.28 12.56
CA GLU A 631 36.55 -2.36 11.41
C GLU A 631 36.96 -3.77 10.96
N PRO A 632 37.27 -4.75 11.86
CA PRO A 632 37.62 -6.10 11.37
C PRO A 632 36.54 -6.76 10.52
N LEU A 633 35.27 -6.36 10.71
CA LEU A 633 34.12 -6.86 9.94
C LEU A 633 33.97 -6.24 8.55
N GLY A 634 34.90 -5.37 8.17
CA GLY A 634 34.88 -4.70 6.87
C GLY A 634 34.15 -3.36 6.87
N LEU A 635 33.77 -2.86 8.05
CA LEU A 635 33.07 -1.58 8.13
C LEU A 635 34.02 -0.42 8.45
N GLU A 636 34.29 0.43 7.47
CA GLU A 636 35.19 1.56 7.67
C GLU A 636 34.54 2.66 8.50
N CYS A 637 35.08 2.92 9.69
CA CYS A 637 34.55 3.93 10.61
C CYS A 637 35.06 5.33 10.26
N THR A 638 34.21 6.35 10.45
CA THR A 638 34.56 7.76 10.19
C THR A 638 33.86 8.61 11.24
N PHE A 639 34.63 9.16 12.18
CA PHE A 639 34.08 9.91 13.30
C PHE A 639 33.79 11.37 12.93
N ILE A 640 32.52 11.76 13.09
CA ILE A 640 32.02 13.09 12.73
C ILE A 640 31.90 14.03 13.93
N ASP A 641 32.22 15.34 13.73
CA ASP A 641 32.12 16.39 14.73
C ASP A 641 30.76 17.11 14.60
N ASP A 642 30.03 17.28 15.71
CA ASP A 642 28.72 17.94 15.68
C ASP A 642 28.42 18.75 16.96
N CYS A 655 20.70 19.57 14.24
CA CYS A 655 21.71 19.24 13.23
C CYS A 655 21.86 17.72 13.00
N GLY A 656 21.47 17.26 11.82
CA GLY A 656 21.57 15.84 11.49
C GLY A 656 21.36 15.50 10.02
N THR A 657 21.24 14.19 9.71
CA THR A 657 21.07 13.70 8.35
C THR A 657 19.82 12.78 8.20
N ASN A 658 19.43 12.50 6.94
CA ASN A 658 18.35 11.60 6.55
C ASN A 658 18.72 11.06 5.16
N VAL A 659 18.90 9.75 5.02
CA VAL A 659 19.33 9.13 3.77
C VAL A 659 18.21 8.50 2.93
N ARG A 660 18.11 8.88 1.64
CA ARG A 660 17.15 8.30 0.71
C ARG A 660 17.81 7.05 0.12
N ARG A 661 17.18 5.87 0.24
CA ARG A 661 17.78 4.61 -0.23
C ARG A 661 17.05 3.95 -1.39
N LYS A 662 17.65 2.93 -2.01
CA LYS A 662 17.01 2.16 -3.06
C LYS A 662 15.90 1.33 -2.39
N PRO A 663 14.69 1.21 -2.99
CA PRO A 663 13.68 0.32 -2.40
C PRO A 663 14.13 -1.15 -2.43
N PHE A 664 13.39 -2.01 -1.73
CA PHE A 664 13.71 -3.43 -1.71
C PHE A 664 13.43 -4.04 -3.08
N THR A 665 14.16 -5.10 -3.44
CA THR A 665 13.89 -5.84 -4.69
C THR A 665 12.52 -6.51 -4.54
N PHE A 666 12.23 -7.04 -3.34
CA PHE A 666 10.98 -7.67 -2.97
C PHE A 666 9.83 -6.68 -3.09
N LYS A 667 8.83 -7.08 -3.89
CA LYS A 667 7.62 -6.32 -4.13
C LYS A 667 6.71 -6.67 -2.98
N TRP A 668 6.21 -5.67 -2.27
CA TRP A 668 5.37 -5.90 -1.09
C TRP A 668 4.21 -6.84 -1.31
N TRP A 669 3.63 -6.87 -2.52
CA TRP A 669 2.47 -7.72 -2.77
C TRP A 669 2.79 -9.21 -2.80
N HIS A 670 4.08 -9.58 -2.83
CA HIS A 670 4.48 -10.98 -2.77
C HIS A 670 4.50 -11.53 -1.33
N MET A 671 4.31 -10.66 -0.33
CA MET A 671 4.26 -11.00 1.08
C MET A 671 2.90 -11.69 1.44
N VAL A 672 2.77 -12.19 2.67
CA VAL A 672 1.56 -12.83 3.22
C VAL A 672 1.41 -12.44 4.69
N PRO A 673 0.92 -11.22 5.01
CA PRO A 673 0.85 -10.80 6.42
C PRO A 673 -0.31 -11.39 7.22
N SER A 674 -0.25 -11.26 8.56
CA SER A 674 -1.29 -11.72 9.48
C SER A 674 -2.55 -10.81 9.42
N ARG A 675 -3.69 -11.32 9.94
CA ARG A 675 -4.98 -10.62 9.98
C ARG A 675 -4.98 -9.41 10.92
C34 A1CE0 B . 5.18 15.07 15.93
N2 A1CE0 B . -2.82 11.71 2.36
C7 A1CE0 B . -3.17 10.38 5.68
C9 A1CE0 B . -1.01 9.84 6.90
C13 A1CE0 B . -0.64 10.50 9.27
C20 A1CE0 B . 1.07 9.82 11.31
C21 A1CE0 B . -0.24 9.46 11.29
C8 A1CE0 B . -1.64 10.42 5.62
C18 A1CE0 B . 2.95 11.13 10.28
C16 A1CE0 B . 2.47 12.42 8.31
C19 A1CE0 B . 1.59 10.65 10.28
C26 A1CE0 B . 5.93 9.99 13.04
C1 A1CE0 B . -2.18 11.47 1.08
C3 A1CE0 B . -3.22 10.73 3.15
O4 A1CE0 B . -3.14 9.54 2.85
C5 A1CE0 B . -3.80 11.15 4.50
N10 A1CE0 B . -1.47 10.56 8.08
C11 A1CE0 B . -2.93 10.37 8.22
C12 A1CE0 B . -3.67 10.93 7.01
C14 A1CE0 B . 0.71 11.04 9.23
C15 A1CE0 B . 1.20 11.94 8.24
C17 A1CE0 B . 3.33 12.02 9.30
N22 A1CE0 B . -1.10 9.78 10.31
C23 A1CE0 B . 3.98 10.66 11.25
C24 A1CE0 B . 4.44 9.34 11.30
C25 A1CE0 B . 5.42 9.02 12.20
C27 A1CE0 B . 5.45 11.29 12.94
N28 A1CE0 B . 4.49 11.60 12.06
C29 A1CE0 B . 5.91 12.43 13.74
C30 A1CE0 B . 7.20 13.02 13.76
C31 A1CE0 B . 7.08 14.09 14.59
N32 A1CE0 B . 5.80 14.12 15.02
N33 A1CE0 B . 5.06 13.10 14.52
CL35 A1CE0 B . 7.11 9.53 14.24
CL36 A1CE0 B . 3.83 8.10 10.25
N37 A1CE0 B . -5.25 11.05 4.45
H60 A1CE0 B . 4.62 14.58 16.73
H59 A1CE0 B . 4.49 15.72 15.39
H61 A1CE0 B . 5.93 15.71 16.39
H41 A1CE0 B . -2.96 12.70 2.60
H42 A1CE0 B . -3.49 9.34 5.59
H46 A1CE0 B . -1.22 8.77 6.95
H45 A1CE0 B . 0.08 9.89 6.81
H54 A1CE0 B . 1.69 9.48 12.14
H55 A1CE0 B . -0.69 8.87 12.09
H43 A1CE0 B . -1.28 11.43 5.46
H44 A1CE0 B . -1.25 9.85 4.77
H52 A1CE0 B . 2.81 13.14 7.56
H39 A1CE0 B . -1.44 10.69 1.14
H38 A1CE0 B . -1.69 12.37 0.71
H40 A1CE0 B . -2.90 11.15 0.32
H6 A1CE0 B . -3.61 12.21 4.67
H47 A1CE0 B . -3.20 9.32 8.37
H48 A1CE0 B . -3.27 10.87 9.12
H49 A1CE0 B . -3.60 12.02 7.03
H50 A1CE0 B . -4.73 10.73 7.15
H51 A1CE0 B . 0.53 12.26 7.43
H53 A1CE0 B . 4.36 12.41 9.30
H56 A1CE0 B . 5.80 8.00 12.26
H57 A1CE0 B . 8.07 12.67 13.21
H58 A1CE0 B . 7.83 14.82 14.89
H63 A1CE0 B . -5.68 11.83 3.97
CA CA C . 1.17 12.89 -10.79
CA CA D . -2.99 16.11 -9.71
CA CA E . 5.18 11.40 -10.84
CA CA F . -1.90 -7.73 -16.79
#